data_6B23
#
_entry.id   6B23
#
_cell.length_a   1
_cell.length_b   1
_cell.length_c   1
_cell.angle_alpha   90.00
_cell.angle_beta   90.00
_cell.angle_gamma   90.00
#
_symmetry.space_group_name_H-M   'P 1'
#
loop_
_entity.id
_entity.type
_entity.pdbx_description
1 polymer 'Major head protein'
2 polymer 'Capsid morphogenesis B protein'
#
loop_
_entity_poly.entity_id
_entity_poly.type
_entity_poly.pdbx_seq_one_letter_code
_entity_poly.pdbx_strand_id
1 'polypeptide(L)'
;MEQTQKLKLNLQHFASNNVKPQVFNPDNVMMHEKKDGTLMNEFTTPILQEVMENSKIMQLGKYEPMEGTEKKFTFWADKP
GAYWVGEGQKIETSKATWVNATMRAFKLGVILPVTKEFLNYTYSQFFEEMKPMIAEAFYKKFDEAGILNQGNNPFGKSIA
QSIEKTNKVIKGDFTQDNIIDLEALLEDDELEANAFISKTQNRSLLRKIVDPETKERIYDRNSDSLDGLPVVNLKSSNLK
RGELITGDFDKLIYGIPQLIEYKIDETAQLSTVKNEDGTPVNLFEQDMVALRATMHVALHIADDKAFAKLVPADKRTDSV
PGEV
;
A,B,C,D
2 'polypeptide(L)' METKYELNNTKKVANAFGLNEEDTNLLINAVDLDIKNNMQEISSELQQSEQSKQKQYGTTLQNLAKQNRIIK a,b,c,d
#
# COMPACT_ATOMS: atom_id res chain seq x y z
N PRO A 26 -5.18 -0.29 54.58
CA PRO A 26 -4.63 1.06 54.82
C PRO A 26 -5.08 1.69 56.14
N ASP A 27 -6.38 1.73 56.40
CA ASP A 27 -6.94 2.29 57.63
C ASP A 27 -8.34 1.74 57.91
N ASN A 28 -8.50 1.08 59.07
CA ASN A 28 -9.78 0.51 59.49
C ASN A 28 -10.57 1.51 60.33
N VAL A 29 -9.96 1.99 61.42
CA VAL A 29 -10.56 2.98 62.31
C VAL A 29 -9.52 4.04 62.73
N MET A 30 -8.58 3.65 63.58
CA MET A 30 -7.55 4.52 64.19
C MET A 30 -7.82 6.04 64.23
N MET A 31 -7.60 6.72 63.10
CA MET A 31 -7.60 8.20 63.05
C MET A 31 -8.39 8.72 61.83
N HIS A 32 -8.36 10.04 61.64
CA HIS A 32 -8.98 10.68 60.46
C HIS A 32 -8.28 11.99 60.09
N GLU A 33 -7.26 11.88 59.23
CA GLU A 33 -6.65 13.03 58.55
C GLU A 33 -6.51 12.75 57.05
N LYS A 34 -7.43 11.94 56.51
CA LYS A 34 -7.41 11.54 55.10
C LYS A 34 -8.40 12.43 54.34
N LYS A 35 -7.86 13.42 53.64
CA LYS A 35 -8.67 14.49 53.05
C LYS A 35 -9.28 14.07 51.71
N ASP A 36 -8.44 13.55 50.83
CA ASP A 36 -8.85 13.08 49.50
C ASP A 36 -8.78 11.55 49.43
N GLY A 37 -9.78 10.94 48.79
CA GLY A 37 -9.80 9.48 48.60
C GLY A 37 -11.19 8.93 48.36
N THR A 38 -11.24 7.70 47.84
CA THR A 38 -12.49 6.98 47.65
C THR A 38 -12.94 6.38 48.99
N LEU A 39 -14.26 6.27 49.18
CA LEU A 39 -14.82 5.72 50.42
C LEU A 39 -14.55 4.22 50.53
N MET A 40 -14.29 3.76 51.74
CA MET A 40 -13.96 2.36 52.01
C MET A 40 -15.21 1.49 51.92
N ASN A 41 -15.06 0.26 51.44
CA ASN A 41 -16.16 -0.70 51.27
C ASN A 41 -16.89 -1.10 52.58
N GLU A 42 -16.23 -0.91 53.72
CA GLU A 42 -16.84 -1.14 55.04
C GLU A 42 -18.06 -0.25 55.31
N PHE A 43 -18.00 1.01 54.86
CA PHE A 43 -19.03 2.01 55.14
C PHE A 43 -19.84 2.47 53.92
N THR A 44 -19.66 1.82 52.77
CA THR A 44 -20.39 2.19 51.55
C THR A 44 -21.84 1.71 51.59
N THR A 45 -22.02 0.41 51.83
CA THR A 45 -23.34 -0.22 51.78
C THR A 45 -24.38 0.25 52.83
N PRO A 46 -23.95 0.70 54.03
CA PRO A 46 -24.92 1.37 54.90
C PRO A 46 -25.37 2.76 54.42
N ILE A 47 -24.46 3.51 53.77
CA ILE A 47 -24.79 4.84 53.23
C ILE A 47 -25.75 4.72 52.03
N LEU A 48 -25.46 3.79 51.12
CA LEU A 48 -26.33 3.51 49.97
C LEU A 48 -27.68 2.90 50.34
N GLN A 49 -27.74 2.19 51.48
CA GLN A 49 -28.99 1.63 52.01
C GLN A 49 -30.03 2.70 52.37
N GLU A 50 -29.57 3.84 52.87
CA GLU A 50 -30.47 4.97 53.18
C GLU A 50 -31.03 5.64 51.92
N VAL A 51 -30.22 5.68 50.87
CA VAL A 51 -30.67 6.15 49.53
C VAL A 51 -31.67 5.15 48.93
N MET A 52 -31.41 3.87 49.15
CA MET A 52 -32.22 2.78 48.60
C MET A 52 -33.68 2.75 49.09
N GLU A 53 -33.92 3.19 50.32
CA GLU A 53 -35.28 3.21 50.90
C GLU A 53 -36.07 4.48 50.60
N ASN A 54 -35.39 5.63 50.54
CA ASN A 54 -36.05 6.94 50.43
C ASN A 54 -36.66 7.21 49.05
N SER A 55 -35.88 6.99 47.99
CA SER A 55 -36.31 7.32 46.62
C SER A 55 -37.45 6.42 46.14
N LYS A 56 -38.26 6.97 45.23
CA LYS A 56 -39.49 6.33 44.74
C LYS A 56 -39.25 5.58 43.44
N ILE A 57 -38.60 6.24 42.48
CA ILE A 57 -38.14 5.61 41.24
C ILE A 57 -37.20 4.42 41.48
N MET A 58 -36.42 4.50 42.57
CA MET A 58 -35.54 3.42 43.05
C MET A 58 -36.21 2.05 43.09
N GLN A 59 -37.40 1.99 43.69
CA GLN A 59 -38.13 0.72 43.89
C GLN A 59 -38.43 -0.02 42.58
N LEU A 60 -38.81 0.72 41.54
CA LEU A 60 -39.23 0.12 40.26
C LEU A 60 -38.08 -0.48 39.44
N GLY A 61 -36.85 0.02 39.64
CA GLY A 61 -35.70 -0.42 38.86
C GLY A 61 -35.19 -1.82 39.17
N LYS A 62 -34.33 -2.33 38.28
CA LYS A 62 -33.68 -3.64 38.42
C LYS A 62 -32.18 -3.47 38.17
N TYR A 63 -31.36 -4.04 39.06
CA TYR A 63 -29.96 -3.62 39.20
C TYR A 63 -28.93 -4.72 38.93
N GLU A 64 -27.93 -4.37 38.11
CA GLU A 64 -26.80 -5.25 37.80
C GLU A 64 -25.54 -4.36 37.71
N PRO A 65 -24.83 -4.17 38.85
CA PRO A 65 -23.66 -3.26 38.94
C PRO A 65 -22.61 -3.44 37.85
N MET A 66 -22.14 -2.31 37.31
CA MET A 66 -21.09 -2.30 36.28
C MET A 66 -20.07 -1.19 36.58
N GLU A 67 -18.82 -1.44 36.19
CA GLU A 67 -17.70 -0.56 36.55
C GLU A 67 -17.56 0.60 35.56
N GLY A 68 -17.91 1.80 36.00
CA GLY A 68 -17.80 3.01 35.19
C GLY A 68 -18.91 3.13 34.16
N THR A 69 -18.78 2.36 33.08
CA THR A 69 -19.78 2.34 32.00
C THR A 69 -19.68 1.04 31.19
N GLU A 70 -20.82 0.43 30.91
CA GLU A 70 -20.89 -0.84 30.18
C GLU A 70 -22.24 -0.95 29.45
N LYS A 71 -22.49 -2.07 28.79
CA LYS A 71 -23.72 -2.30 28.03
C LYS A 71 -24.40 -3.61 28.42
N LYS A 72 -25.70 -3.68 28.13
CA LYS A 72 -26.55 -4.83 28.47
C LYS A 72 -27.64 -5.00 27.42
N PHE A 73 -28.33 -6.15 27.46
CA PHE A 73 -29.41 -6.46 26.51
C PHE A 73 -30.70 -6.90 27.21
N THR A 74 -31.82 -6.63 26.54
CA THR A 74 -33.17 -6.82 27.10
C THR A 74 -33.80 -8.09 26.53
N PHE A 75 -35.06 -8.35 26.90
CA PHE A 75 -35.92 -9.41 26.33
C PHE A 75 -35.55 -10.84 26.73
N TRP A 76 -36.51 -11.74 26.49
CA TRP A 76 -36.48 -13.13 26.97
C TRP A 76 -36.17 -14.13 25.85
N ALA A 77 -36.15 -15.41 26.21
CA ALA A 77 -36.02 -16.50 25.24
C ALA A 77 -36.75 -17.75 25.73
N ASP A 78 -37.70 -18.25 24.94
CA ASP A 78 -38.46 -19.46 25.28
C ASP A 78 -37.62 -20.70 24.98
N LYS A 79 -37.89 -21.79 25.70
CA LYS A 79 -37.13 -23.04 25.57
C LYS A 79 -37.57 -23.82 24.32
N PRO A 80 -36.62 -24.19 23.45
CA PRO A 80 -36.87 -25.22 22.45
C PRO A 80 -36.43 -26.59 23.00
N GLY A 81 -37.40 -27.39 23.44
CA GLY A 81 -37.12 -28.65 24.13
C GLY A 81 -36.60 -29.75 23.23
N ALA A 82 -37.46 -30.23 22.34
CA ALA A 82 -37.13 -31.33 21.43
C ALA A 82 -38.13 -31.47 20.28
N TYR A 83 -39.40 -31.66 20.62
CA TYR A 83 -40.47 -31.84 19.63
C TYR A 83 -40.79 -30.53 18.92
N TRP A 84 -41.06 -30.62 17.62
CA TRP A 84 -41.39 -29.47 16.75
C TRP A 84 -40.18 -28.57 16.46
N VAL A 85 -40.15 -27.99 15.26
CA VAL A 85 -39.02 -27.16 14.81
C VAL A 85 -38.90 -25.83 15.57
N GLY A 86 -40.04 -25.26 15.95
CA GLY A 86 -40.10 -23.99 16.68
C GLY A 86 -41.05 -23.01 16.01
N GLU A 87 -41.58 -22.07 16.80
CA GLU A 87 -42.49 -21.04 16.28
C GLU A 87 -42.51 -19.83 17.22
N GLY A 88 -42.74 -18.65 16.64
CA GLY A 88 -42.76 -17.38 17.38
C GLY A 88 -41.46 -16.60 17.25
N GLN A 89 -41.35 -15.54 18.05
CA GLN A 89 -40.21 -14.61 18.01
C GLN A 89 -39.56 -14.49 19.38
N LYS A 90 -38.38 -13.84 19.41
CA LYS A 90 -37.62 -13.61 20.64
C LYS A 90 -37.13 -12.15 20.77
N ILE A 91 -36.25 -11.73 19.85
CA ILE A 91 -35.62 -10.40 19.85
C ILE A 91 -34.62 -10.23 21.01
N GLU A 92 -33.45 -9.68 20.70
CA GLU A 92 -32.36 -9.54 21.68
C GLU A 92 -31.46 -8.34 21.32
N THR A 93 -31.96 -7.14 21.65
CA THR A 93 -31.29 -5.88 21.32
C THR A 93 -30.46 -5.37 22.51
N SER A 94 -29.32 -4.75 22.22
CA SER A 94 -28.40 -4.24 23.24
C SER A 94 -28.40 -2.71 23.32
N LYS A 95 -28.01 -2.18 24.48
CA LYS A 95 -27.91 -0.73 24.71
C LYS A 95 -26.90 -0.40 25.82
N ALA A 96 -26.42 0.85 25.82
CA ALA A 96 -25.37 1.32 26.74
C ALA A 96 -25.91 2.20 27.86
N THR A 97 -25.04 2.50 28.82
CA THR A 97 -25.36 3.33 30.00
C THR A 97 -24.14 4.16 30.42
N TRP A 98 -24.36 5.43 30.78
CA TRP A 98 -23.26 6.37 31.08
C TRP A 98 -23.72 7.66 31.81
N VAL A 99 -22.73 8.45 32.24
CA VAL A 99 -22.91 9.76 32.91
C VAL A 99 -23.36 9.64 34.37
N ASN A 100 -22.86 10.53 35.23
CA ASN A 100 -23.12 10.49 36.68
C ASN A 100 -23.36 11.85 37.30
N ALA A 101 -23.97 11.85 38.50
CA ALA A 101 -24.33 13.06 39.24
C ALA A 101 -23.25 13.48 40.24
N THR A 102 -23.27 14.76 40.64
CA THR A 102 -22.27 15.34 41.54
C THR A 102 -22.83 16.54 42.31
N MET A 103 -22.58 16.59 43.63
CA MET A 103 -22.97 17.73 44.46
C MET A 103 -22.21 17.77 45.80
N ARG A 104 -21.95 18.97 46.31
CA ARG A 104 -21.26 19.16 47.58
C ARG A 104 -22.18 18.83 48.75
N ALA A 105 -21.58 18.48 49.90
CA ALA A 105 -22.33 18.11 51.10
C ALA A 105 -22.73 19.33 51.94
N PHE A 106 -21.84 20.32 52.01
CA PHE A 106 -22.08 21.62 52.69
C PHE A 106 -22.30 21.50 54.21
N LYS A 107 -23.46 21.00 54.62
CA LYS A 107 -23.83 20.93 56.04
C LYS A 107 -22.95 20.03 56.91
N LEU A 108 -22.29 19.03 56.31
CA LEU A 108 -21.40 18.11 57.03
C LEU A 108 -20.27 18.83 57.76
N GLY A 109 -19.54 19.67 57.04
CA GLY A 109 -18.42 20.41 57.61
C GLY A 109 -18.78 21.58 58.53
N VAL A 110 -20.07 21.96 58.54
CA VAL A 110 -20.58 22.96 59.49
C VAL A 110 -20.72 22.38 60.90
N ILE A 111 -20.87 21.06 61.01
CA ILE A 111 -21.04 20.38 62.31
C ILE A 111 -19.75 20.45 63.14
N LEU A 112 -18.62 20.09 62.52
CA LEU A 112 -17.31 20.12 63.17
C LEU A 112 -16.35 21.01 62.36
N PRO A 113 -15.72 22.01 63.01
CA PRO A 113 -14.97 23.02 62.26
C PRO A 113 -13.59 22.59 61.71
N VAL A 114 -13.03 21.49 62.22
CA VAL A 114 -11.68 21.04 61.82
C VAL A 114 -11.56 19.52 61.68
N THR A 115 -10.59 19.09 60.88
CA THR A 115 -10.31 17.67 60.64
C THR A 115 -9.50 17.02 61.77
N LYS A 116 -8.75 17.84 62.53
CA LYS A 116 -8.01 17.36 63.71
C LYS A 116 -8.96 16.92 64.84
N GLU A 117 -10.15 17.52 64.92
CA GLU A 117 -11.19 17.09 65.85
C GLU A 117 -11.93 15.84 65.36
N PHE A 118 -12.02 15.65 64.05
CA PHE A 118 -12.49 14.39 63.45
C PHE A 118 -11.57 13.19 63.72
N LEU A 119 -10.32 13.45 64.11
CA LEU A 119 -9.40 12.42 64.62
C LEU A 119 -10.01 11.68 65.82
N ASN A 120 -10.70 12.42 66.69
CA ASN A 120 -11.43 11.84 67.82
C ASN A 120 -12.65 11.01 67.35
N TYR A 121 -13.36 11.52 66.35
CA TYR A 121 -14.45 10.77 65.69
C TYR A 121 -13.95 9.50 64.99
N THR A 122 -12.72 9.54 64.47
CA THR A 122 -12.06 8.40 63.80
C THR A 122 -12.67 8.13 62.41
N TYR A 123 -12.14 7.11 61.72
CA TYR A 123 -12.60 6.71 60.38
C TYR A 123 -13.99 6.04 60.36
N SER A 124 -14.53 5.70 61.54
CA SER A 124 -15.87 5.11 61.64
C SER A 124 -16.98 6.15 61.66
N GLN A 125 -16.91 7.07 62.63
CA GLN A 125 -18.03 8.00 62.91
C GLN A 125 -18.23 9.09 61.85
N PHE A 126 -17.16 9.47 61.14
CA PHE A 126 -17.25 10.41 60.03
C PHE A 126 -18.19 9.91 58.92
N PHE A 127 -18.14 8.61 58.65
CA PHE A 127 -18.94 7.98 57.59
C PHE A 127 -20.39 7.80 58.05
N GLU A 128 -20.58 7.47 59.33
CA GLU A 128 -21.91 7.30 59.92
C GLU A 128 -22.63 8.62 60.17
N GLU A 129 -21.87 9.71 60.36
CA GLU A 129 -22.45 11.07 60.49
C GLU A 129 -23.05 11.57 59.17
N MET A 130 -22.39 11.24 58.05
CA MET A 130 -22.89 11.60 56.72
C MET A 130 -24.08 10.76 56.27
N LYS A 131 -24.16 9.52 56.74
CA LYS A 131 -25.17 8.52 56.29
C LYS A 131 -26.61 9.04 56.16
N PRO A 132 -27.13 9.79 57.17
CA PRO A 132 -28.44 10.42 57.01
C PRO A 132 -28.43 11.68 56.12
N MET A 133 -27.37 12.49 56.24
CA MET A 133 -27.29 13.80 55.56
C MET A 133 -27.25 13.70 54.04
N ILE A 134 -26.22 13.03 53.51
CA ILE A 134 -25.99 12.96 52.05
C ILE A 134 -27.08 12.17 51.31
N ALA A 135 -27.65 11.17 51.97
CA ALA A 135 -28.73 10.36 51.39
C ALA A 135 -30.04 11.15 51.22
N GLU A 136 -30.28 12.11 52.10
CA GLU A 136 -31.50 12.94 52.06
C GLU A 136 -31.50 13.87 50.85
N ALA A 137 -30.37 14.53 50.60
CA ALA A 137 -30.22 15.42 49.45
C ALA A 137 -30.19 14.69 48.11
N PHE A 138 -29.81 13.41 48.12
CA PHE A 138 -29.65 12.64 46.88
C PHE A 138 -30.97 12.25 46.22
N TYR A 139 -31.94 11.79 47.00
CA TYR A 139 -33.23 11.30 46.45
C TYR A 139 -34.11 12.40 45.86
N LYS A 140 -34.02 13.62 46.42
CA LYS A 140 -34.83 14.76 45.98
C LYS A 140 -34.49 15.17 44.54
N LYS A 141 -33.20 15.29 44.25
CA LYS A 141 -32.72 15.65 42.92
C LYS A 141 -32.91 14.53 41.87
N PHE A 142 -32.89 13.28 42.32
CA PHE A 142 -33.02 12.12 41.43
C PHE A 142 -34.41 12.06 40.80
N ASP A 143 -35.45 12.19 41.64
CA ASP A 143 -36.84 12.19 41.17
C ASP A 143 -37.21 13.45 40.39
N GLU A 144 -36.56 14.58 40.69
CA GLU A 144 -36.80 15.85 40.00
C GLU A 144 -36.28 15.86 38.56
N ALA A 145 -35.24 15.05 38.28
CA ALA A 145 -34.71 14.86 36.92
C ALA A 145 -34.95 13.46 36.33
N GLY A 146 -35.49 12.53 37.12
CA GLY A 146 -35.77 11.16 36.68
C GLY A 146 -37.11 11.04 35.97
N ILE A 147 -38.19 11.26 36.72
CA ILE A 147 -39.56 11.16 36.19
C ILE A 147 -39.90 12.49 35.51
N LEU A 148 -39.83 13.57 36.27
CA LEU A 148 -40.03 14.93 35.75
C LEU A 148 -38.68 15.48 35.31
N ASN A 149 -38.67 16.66 34.71
CA ASN A 149 -37.42 17.32 34.31
C ASN A 149 -37.57 18.84 34.38
N GLN A 150 -37.68 19.34 35.63
CA GLN A 150 -37.78 20.77 35.90
C GLN A 150 -36.38 21.34 36.14
N GLY A 151 -35.63 20.69 37.04
CA GLY A 151 -34.23 21.01 37.26
C GLY A 151 -33.40 20.39 36.15
N ASN A 152 -32.82 21.24 35.30
CA ASN A 152 -32.11 20.79 34.10
C ASN A 152 -30.76 20.15 34.45
N ASN A 153 -30.78 18.83 34.65
CA ASN A 153 -29.56 18.03 34.81
C ASN A 153 -29.79 16.60 34.30
N PRO A 154 -30.15 16.44 33.01
CA PRO A 154 -30.45 15.12 32.45
C PRO A 154 -29.22 14.43 31.86
N PHE A 155 -29.34 13.12 31.62
CA PHE A 155 -28.35 12.34 30.88
C PHE A 155 -29.01 11.32 29.96
N GLY A 156 -29.74 10.38 30.55
CA GLY A 156 -30.45 9.33 29.80
C GLY A 156 -31.79 9.79 29.26
N LYS A 157 -32.56 8.84 28.72
CA LYS A 157 -33.89 9.13 28.18
C LYS A 157 -34.90 9.14 29.34
N SER A 158 -35.11 10.32 29.91
CA SER A 158 -36.04 10.48 31.04
C SER A 158 -37.50 10.34 30.59
N ILE A 159 -38.40 10.19 31.57
CA ILE A 159 -39.81 9.87 31.32
C ILE A 159 -40.56 11.02 30.61
N ALA A 160 -40.07 12.26 30.75
CA ALA A 160 -40.59 13.41 30.02
C ALA A 160 -40.51 13.25 28.49
N GLN A 161 -39.47 12.58 28.01
CA GLN A 161 -39.29 12.33 26.56
C GLN A 161 -40.27 11.28 26.03
N SER A 162 -40.54 10.24 26.82
CA SER A 162 -41.45 9.16 26.42
C SER A 162 -42.91 9.59 26.28
N ILE A 163 -43.31 10.62 27.03
CA ILE A 163 -44.68 11.15 26.97
C ILE A 163 -44.92 11.93 25.67
N GLU A 164 -43.91 12.67 25.22
CA GLU A 164 -44.02 13.50 24.01
C GLU A 164 -44.15 12.67 22.73
N LYS A 165 -43.32 11.62 22.61
CA LYS A 165 -43.34 10.75 21.42
C LYS A 165 -44.56 9.84 21.42
N THR A 166 -44.67 9.00 22.46
CA THR A 166 -45.84 8.12 22.65
C THR A 166 -46.90 8.88 23.46
N ASN A 167 -47.74 9.62 22.74
CA ASN A 167 -48.77 10.47 23.35
C ASN A 167 -49.96 9.62 23.81
N LYS A 168 -50.13 9.52 25.13
CA LYS A 168 -51.23 8.77 25.75
C LYS A 168 -51.91 9.67 26.80
N VAL A 169 -52.40 10.82 26.34
CA VAL A 169 -52.96 11.85 27.22
C VAL A 169 -54.47 12.00 26.99
N ILE A 170 -55.26 11.73 28.03
CA ILE A 170 -56.71 11.95 28.02
C ILE A 170 -56.97 13.33 28.64
N LYS A 171 -58.05 13.98 28.19
CA LYS A 171 -58.45 15.31 28.69
C LYS A 171 -58.85 15.24 30.17
N GLY A 172 -58.60 16.33 30.89
CA GLY A 172 -58.82 16.41 32.34
C GLY A 172 -60.17 15.95 32.85
N ASP A 173 -60.25 14.66 33.16
CA ASP A 173 -61.43 14.05 33.79
C ASP A 173 -60.98 12.97 34.78
N PHE A 174 -61.63 12.90 35.94
CA PHE A 174 -61.34 11.90 36.98
C PHE A 174 -62.51 10.94 37.14
N THR A 175 -62.35 9.72 36.59
CA THR A 175 -63.34 8.64 36.74
C THR A 175 -62.60 7.30 36.76
N GLN A 176 -63.26 6.27 37.31
CA GLN A 176 -62.69 4.91 37.33
C GLN A 176 -62.55 4.30 35.93
N ASP A 177 -63.44 4.70 35.01
CA ASP A 177 -63.37 4.28 33.60
C ASP A 177 -62.14 4.83 32.87
N ASN A 178 -61.69 6.03 33.26
CA ASN A 178 -60.50 6.66 32.67
C ASN A 178 -59.21 5.93 33.04
N ILE A 179 -59.15 5.37 34.25
CA ILE A 179 -57.99 4.59 34.72
C ILE A 179 -57.89 3.26 33.95
N ILE A 180 -59.02 2.62 33.71
CA ILE A 180 -59.08 1.38 32.91
C ILE A 180 -58.80 1.68 31.43
N ASP A 181 -59.23 2.84 30.95
CA ASP A 181 -58.98 3.28 29.57
C ASP A 181 -57.49 3.53 29.30
N LEU A 182 -56.79 4.13 30.27
CA LEU A 182 -55.33 4.34 30.17
C LEU A 182 -54.56 3.02 30.07
N GLU A 183 -54.97 2.04 30.88
CA GLU A 183 -54.41 0.69 30.81
C GLU A 183 -54.78 -0.04 29.51
N ALA A 184 -55.99 0.23 29.00
CA ALA A 184 -56.44 -0.31 27.71
C ALA A 184 -55.69 0.33 26.52
N LEU A 185 -55.41 1.62 26.60
CA LEU A 185 -54.71 2.36 25.52
C LEU A 185 -53.27 1.90 25.34
N LEU A 186 -52.54 1.76 26.44
CA LEU A 186 -51.13 1.29 26.39
C LEU A 186 -51.04 -0.18 25.99
N GLU A 187 -51.98 -1.00 26.47
CA GLU A 187 -52.01 -2.44 26.16
C GLU A 187 -52.51 -2.67 24.73
N ASP A 188 -51.59 -2.58 23.79
CA ASP A 188 -51.81 -2.98 22.39
C ASP A 188 -50.50 -3.60 21.86
N ASP A 189 -49.42 -2.83 21.92
CA ASP A 189 -48.05 -3.34 21.88
C ASP A 189 -47.46 -3.18 23.29
N GLU A 190 -46.45 -3.99 23.60
CA GLU A 190 -45.78 -4.02 24.91
C GLU A 190 -46.68 -4.56 26.04
N LEU A 191 -46.08 -4.76 27.22
CA LEU A 191 -46.75 -5.40 28.35
C LEU A 191 -47.76 -4.48 29.05
N GLU A 192 -48.70 -5.09 29.77
CA GLU A 192 -49.72 -4.38 30.57
C GLU A 192 -49.08 -3.64 31.75
N ALA A 193 -49.78 -2.61 32.24
CA ALA A 193 -49.32 -1.76 33.35
C ALA A 193 -48.90 -2.56 34.60
N ASN A 194 -47.82 -2.10 35.23
CA ASN A 194 -47.23 -2.77 36.39
C ASN A 194 -47.60 -2.07 37.70
N ALA A 195 -47.38 -0.76 37.77
CA ALA A 195 -47.67 0.03 38.97
C ALA A 195 -47.84 1.52 38.66
N PHE A 196 -48.63 2.19 39.49
CA PHE A 196 -48.91 3.64 39.35
C PHE A 196 -48.01 4.46 40.27
N ILE A 197 -48.00 5.77 40.02
CA ILE A 197 -47.29 6.73 40.88
C ILE A 197 -47.96 8.12 40.78
N SER A 198 -48.18 8.74 41.94
CA SER A 198 -48.87 10.04 42.04
C SER A 198 -48.27 10.87 43.18
N LYS A 199 -48.76 12.11 43.34
CA LYS A 199 -48.28 13.02 44.38
C LYS A 199 -49.35 13.33 45.43
N THR A 200 -48.91 13.90 46.55
CA THR A 200 -49.77 14.19 47.71
C THR A 200 -50.77 15.33 47.46
N GLN A 201 -50.44 16.25 46.55
CA GLN A 201 -51.36 17.34 46.16
C GLN A 201 -52.62 16.83 45.44
N ASN A 202 -52.45 15.81 44.60
CA ASN A 202 -53.57 15.18 43.88
C ASN A 202 -54.38 14.19 44.74
N ARG A 203 -53.83 13.78 45.88
CA ARG A 203 -54.48 12.84 46.81
C ARG A 203 -55.83 13.35 47.38
N SER A 204 -55.97 14.67 47.51
CA SER A 204 -57.22 15.28 48.00
C SER A 204 -58.39 15.10 47.04
N LEU A 205 -58.12 15.22 45.74
CA LEU A 205 -59.14 14.99 44.70
C LEU A 205 -59.52 13.51 44.58
N LEU A 206 -58.52 12.64 44.65
CA LEU A 206 -58.74 11.18 44.58
C LEU A 206 -59.39 10.58 45.84
N ARG A 207 -59.36 11.31 46.96
CA ARG A 207 -59.99 10.87 48.22
C ARG A 207 -61.52 10.72 48.12
N LYS A 208 -62.17 11.65 47.41
CA LYS A 208 -63.64 11.70 47.33
C LYS A 208 -64.16 11.53 45.90
N ILE A 209 -64.11 10.29 45.42
CA ILE A 209 -64.70 9.89 44.13
C ILE A 209 -65.46 8.57 44.34
N VAL A 210 -66.77 8.59 44.10
CA VAL A 210 -67.64 7.43 44.31
C VAL A 210 -68.43 7.13 43.04
N ASP A 211 -68.32 5.89 42.56
CA ASP A 211 -69.05 5.43 41.36
C ASP A 211 -70.47 4.96 41.72
N PRO A 212 -71.38 4.94 40.73
CA PRO A 212 -72.78 4.57 41.02
C PRO A 212 -72.99 3.08 41.34
N GLU A 213 -72.42 2.19 40.53
CA GLU A 213 -72.59 0.74 40.70
C GLU A 213 -71.77 0.23 41.87
N THR A 214 -70.45 0.45 41.80
CA THR A 214 -69.53 0.08 42.89
C THR A 214 -69.37 1.26 43.86
N LYS A 215 -70.24 1.30 44.88
CA LYS A 215 -70.30 2.42 45.82
C LYS A 215 -69.17 2.38 46.84
N GLU A 216 -68.01 2.89 46.44
CA GLU A 216 -66.84 2.98 47.32
C GLU A 216 -65.81 4.00 46.79
N ARG A 217 -64.84 4.33 47.64
CA ARG A 217 -63.76 5.25 47.26
C ARG A 217 -62.75 4.52 46.36
N ILE A 218 -62.22 5.23 45.37
CA ILE A 218 -61.26 4.66 44.42
C ILE A 218 -59.89 4.54 45.08
N TYR A 219 -59.37 5.68 45.55
CA TYR A 219 -58.07 5.72 46.22
C TYR A 219 -58.24 5.34 47.69
N ASP A 220 -57.65 4.21 48.09
CA ASP A 220 -57.79 3.68 49.44
C ASP A 220 -56.87 4.40 50.43
N ARG A 221 -57.36 4.61 51.65
CA ARG A 221 -56.64 5.37 52.68
C ARG A 221 -55.68 4.50 53.48
N ASN A 222 -56.16 3.32 53.90
CA ASN A 222 -55.38 2.43 54.78
C ASN A 222 -54.20 1.79 54.06
N SER A 223 -54.49 1.13 52.93
CA SER A 223 -53.48 0.50 52.09
C SER A 223 -53.51 1.14 50.70
N ASP A 224 -52.54 2.01 50.43
CA ASP A 224 -52.55 2.85 49.22
C ASP A 224 -52.38 2.05 47.93
N SER A 225 -53.52 1.70 47.33
CA SER A 225 -53.59 1.07 46.01
C SER A 225 -54.72 1.70 45.21
N LEU A 226 -54.45 2.07 43.96
CA LEU A 226 -55.40 2.83 43.14
C LEU A 226 -56.49 1.90 42.60
N ASP A 227 -56.10 0.94 41.74
CA ASP A 227 -56.99 -0.08 41.21
C ASP A 227 -56.38 -1.47 41.45
N GLY A 228 -55.88 -1.68 42.67
CA GLY A 228 -55.18 -2.91 43.05
C GLY A 228 -53.66 -2.77 43.05
N LEU A 229 -53.12 -2.10 42.03
CA LEU A 229 -51.67 -1.92 41.87
C LEU A 229 -51.11 -0.93 42.90
N PRO A 230 -49.82 -1.08 43.28
CA PRO A 230 -49.23 -0.24 44.33
C PRO A 230 -48.91 1.19 43.88
N VAL A 231 -48.97 2.13 44.82
CA VAL A 231 -48.71 3.55 44.57
C VAL A 231 -47.80 4.12 45.67
N VAL A 232 -47.01 5.12 45.32
CA VAL A 232 -46.14 5.84 46.28
C VAL A 232 -46.22 7.35 46.04
N ASN A 233 -46.20 8.11 47.13
CA ASN A 233 -46.32 9.58 47.06
C ASN A 233 -44.99 10.22 46.63
N LEU A 234 -45.02 10.90 45.48
CA LEU A 234 -43.86 11.65 44.98
C LEU A 234 -43.76 12.98 45.72
N LYS A 235 -42.66 13.18 46.44
CA LYS A 235 -42.45 14.39 47.24
C LYS A 235 -42.10 15.61 46.38
N SER A 236 -41.34 15.40 45.31
CA SER A 236 -41.00 16.48 44.37
C SER A 236 -42.21 16.90 43.54
N SER A 237 -43.07 17.73 44.14
CA SER A 237 -44.30 18.19 43.51
C SER A 237 -44.02 19.41 42.63
N ASN A 238 -44.37 19.30 41.34
CA ASN A 238 -44.14 20.38 40.36
C ASN A 238 -45.34 20.54 39.41
N LEU A 239 -45.68 19.47 38.69
CA LEU A 239 -46.81 19.47 37.76
C LEU A 239 -48.16 19.49 38.49
N LYS A 240 -49.23 19.77 37.74
CA LYS A 240 -50.57 19.93 38.31
C LYS A 240 -51.19 18.58 38.71
N ARG A 241 -51.42 17.72 37.71
CA ARG A 241 -52.09 16.44 37.90
C ARG A 241 -51.09 15.28 37.96
N GLY A 242 -51.35 14.32 38.84
CA GLY A 242 -50.46 13.18 39.08
C GLY A 242 -51.04 11.85 38.65
N GLU A 243 -50.80 11.49 37.39
CA GLU A 243 -51.20 10.19 36.83
C GLU A 243 -50.09 9.67 35.93
N LEU A 244 -49.50 8.53 36.29
CA LEU A 244 -48.40 7.92 35.54
C LEU A 244 -48.48 6.38 35.60
N ILE A 245 -47.99 5.73 34.55
CA ILE A 245 -48.00 4.27 34.42
C ILE A 245 -46.63 3.77 33.92
N THR A 246 -45.84 3.18 34.83
CA THR A 246 -44.51 2.65 34.49
C THR A 246 -44.31 1.27 35.11
N GLY A 247 -43.49 0.44 34.44
CA GLY A 247 -43.20 -0.91 34.89
C GLY A 247 -41.81 -1.38 34.49
N ASP A 248 -41.62 -1.60 33.18
CA ASP A 248 -40.33 -2.02 32.63
C ASP A 248 -39.36 -0.83 32.63
N PHE A 249 -38.60 -0.71 33.71
CA PHE A 249 -37.64 0.38 33.90
C PHE A 249 -36.33 -0.15 34.46
N ASP A 250 -35.22 0.39 33.96
CA ASP A 250 -33.87 -0.01 34.36
C ASP A 250 -33.12 1.15 34.98
N LYS A 251 -32.92 1.10 36.29
CA LYS A 251 -32.03 2.00 37.02
C LYS A 251 -30.79 1.22 37.45
N LEU A 252 -29.67 1.92 37.59
CA LEU A 252 -28.38 1.29 37.92
C LEU A 252 -27.51 2.23 38.77
N ILE A 253 -26.97 1.69 39.86
CA ILE A 253 -26.06 2.41 40.76
C ILE A 253 -24.76 1.61 40.90
N TYR A 254 -23.62 2.33 40.89
CA TYR A 254 -22.30 1.73 41.09
C TYR A 254 -21.66 2.35 42.34
N GLY A 255 -21.03 1.50 43.16
CA GLY A 255 -20.56 1.90 44.48
C GLY A 255 -19.19 2.56 44.54
N ILE A 256 -19.10 3.79 44.01
CA ILE A 256 -17.92 4.66 44.16
C ILE A 256 -18.42 6.09 44.41
N PRO A 257 -18.67 6.48 45.68
CA PRO A 257 -19.10 7.84 45.97
C PRO A 257 -18.00 8.90 45.87
N GLN A 258 -16.81 8.60 46.39
CA GLN A 258 -15.66 9.53 46.45
C GLN A 258 -15.86 10.70 47.41
N LEU A 259 -14.78 11.10 48.09
CA LEU A 259 -14.79 12.27 48.98
C LEU A 259 -13.54 13.13 48.78
N ILE A 260 -13.76 14.43 48.57
CA ILE A 260 -12.69 15.43 48.44
C ILE A 260 -13.00 16.57 49.41
N GLU A 261 -12.13 16.76 50.41
CA GLU A 261 -12.30 17.81 51.42
C GLU A 261 -11.52 19.06 51.00
N TYR A 262 -12.23 20.19 50.91
CA TYR A 262 -11.65 21.46 50.45
C TYR A 262 -12.19 22.61 51.31
N LYS A 263 -11.52 23.75 51.25
CA LYS A 263 -11.96 24.98 51.93
C LYS A 263 -11.85 26.19 50.99
N ILE A 264 -12.83 26.31 50.10
CA ILE A 264 -12.84 27.33 49.04
C ILE A 264 -14.28 27.79 48.72
N ASP A 265 -14.41 28.78 47.83
CA ASP A 265 -15.70 29.35 47.45
C ASP A 265 -16.59 28.36 46.67
N GLU A 266 -17.88 28.38 46.98
CA GLU A 266 -18.91 27.61 46.25
C GLU A 266 -19.79 28.57 45.44
N THR A 267 -20.20 28.12 44.24
CA THR A 267 -21.01 28.90 43.32
C THR A 267 -22.50 28.64 43.53
N ALA A 268 -22.88 27.36 43.53
CA ALA A 268 -24.29 26.94 43.64
C ALA A 268 -24.90 27.18 45.03
N GLN A 269 -24.09 27.05 46.08
CA GLN A 269 -24.56 27.23 47.46
C GLN A 269 -24.87 28.70 47.77
N LEU A 270 -25.72 28.90 48.77
CA LEU A 270 -26.21 30.24 49.15
C LEU A 270 -26.04 30.45 50.67
N SER A 271 -25.58 31.63 51.05
CA SER A 271 -25.23 31.95 52.44
C SER A 271 -26.20 32.96 53.08
N THR A 272 -27.12 32.44 53.89
CA THR A 272 -28.01 33.24 54.74
C THR A 272 -29.03 34.10 53.95
N VAL A 273 -28.57 35.22 53.39
CA VAL A 273 -29.43 36.17 52.68
C VAL A 273 -29.31 35.96 51.16
N LYS A 274 -28.16 36.34 50.59
CA LYS A 274 -27.88 36.15 49.17
C LYS A 274 -26.38 36.35 48.89
N ASN A 275 -25.56 35.55 49.59
CA ASN A 275 -24.10 35.64 49.51
C ASN A 275 -23.48 34.26 49.30
N GLU A 276 -22.17 34.24 49.06
CA GLU A 276 -21.41 33.01 48.83
C GLU A 276 -20.47 32.74 50.01
N ASP A 277 -19.95 31.51 50.05
CA ASP A 277 -19.11 31.05 51.18
C ASP A 277 -17.68 31.61 51.09
N GLY A 278 -17.43 32.69 51.83
CA GLY A 278 -16.07 33.20 52.04
C GLY A 278 -15.39 32.33 53.08
N THR A 279 -14.82 31.22 52.63
CA THR A 279 -14.31 30.16 53.52
C THR A 279 -13.16 30.58 54.47
N PRO A 280 -12.26 31.49 54.02
CA PRO A 280 -11.27 32.04 54.96
C PRO A 280 -11.88 32.89 56.09
N VAL A 281 -12.84 33.75 55.76
CA VAL A 281 -13.51 34.61 56.75
C VAL A 281 -14.53 33.78 57.54
N ASN A 282 -15.54 33.25 56.84
CA ASN A 282 -16.50 32.31 57.44
C ASN A 282 -15.83 30.94 57.54
N LEU A 283 -15.19 30.69 58.67
CA LEU A 283 -14.34 29.50 58.85
C LEU A 283 -15.15 28.21 58.99
N PHE A 284 -15.59 27.70 57.84
CA PHE A 284 -16.28 26.41 57.74
C PHE A 284 -15.45 25.46 56.86
N GLU A 285 -15.84 24.19 56.85
CA GLU A 285 -15.22 23.19 55.97
C GLU A 285 -16.26 22.59 55.03
N GLN A 286 -15.77 22.01 53.93
CA GLN A 286 -16.62 21.44 52.88
C GLN A 286 -16.19 20.00 52.56
N ASP A 287 -17.02 19.33 51.77
CA ASP A 287 -16.72 17.97 51.30
C ASP A 287 -17.55 17.63 50.06
N MET A 288 -16.91 16.99 49.08
CA MET A 288 -17.51 16.67 47.78
C MET A 288 -18.10 15.25 47.78
N VAL A 289 -19.14 15.06 46.98
CA VAL A 289 -19.80 13.76 46.80
C VAL A 289 -20.18 13.59 45.33
N ALA A 290 -19.98 12.37 44.79
CA ALA A 290 -20.25 12.10 43.38
C ALA A 290 -20.56 10.62 43.12
N LEU A 291 -21.80 10.22 43.39
CA LEU A 291 -22.27 8.86 43.13
C LEU A 291 -22.60 8.69 41.64
N ARG A 292 -22.61 7.44 41.19
CA ARG A 292 -22.95 7.09 39.81
C ARG A 292 -24.45 6.78 39.69
N ALA A 293 -25.08 7.37 38.68
CA ALA A 293 -26.52 7.22 38.46
C ALA A 293 -26.82 7.10 36.97
N THR A 294 -26.88 5.86 36.48
CA THR A 294 -27.15 5.56 35.07
C THR A 294 -28.48 4.81 34.94
N MET A 295 -29.27 5.18 33.93
CA MET A 295 -30.60 4.59 33.69
C MET A 295 -30.81 4.19 32.24
N HIS A 296 -31.92 3.49 31.99
CA HIS A 296 -32.37 3.18 30.64
C HIS A 296 -33.87 2.85 30.67
N VAL A 297 -34.58 3.21 29.59
CA VAL A 297 -36.05 3.11 29.54
C VAL A 297 -36.53 2.49 28.22
N ALA A 298 -37.54 1.62 28.31
CA ALA A 298 -38.30 1.16 27.16
C ALA A 298 -39.43 2.17 26.94
N LEU A 299 -39.50 2.75 25.75
CA LEU A 299 -40.33 3.94 25.50
C LEU A 299 -41.82 3.60 25.30
N HIS A 300 -42.51 3.40 26.42
CA HIS A 300 -43.97 3.22 26.46
C HIS A 300 -44.49 3.51 27.88
N ILE A 301 -44.75 4.79 28.15
CA ILE A 301 -45.21 5.26 29.47
C ILE A 301 -46.34 6.27 29.27
N ALA A 302 -47.46 6.06 29.97
CA ALA A 302 -48.63 6.93 29.89
C ALA A 302 -48.54 8.10 30.86
N ASP A 303 -49.30 9.16 30.58
CA ASP A 303 -49.33 10.37 31.42
C ASP A 303 -50.59 11.19 31.12
N ASP A 304 -51.19 11.75 32.17
CA ASP A 304 -52.43 12.54 32.04
C ASP A 304 -52.26 13.94 32.63
N LYS A 305 -53.07 14.88 32.16
CA LYS A 305 -53.00 16.29 32.56
C LYS A 305 -54.35 16.98 32.40
N ALA A 306 -54.59 18.00 33.23
CA ALA A 306 -55.79 18.83 33.15
C ALA A 306 -55.65 19.89 32.05
N PHE A 307 -56.74 20.60 31.79
CA PHE A 307 -56.76 21.69 30.78
C PHE A 307 -57.85 22.73 31.09
N ALA A 308 -59.11 22.30 31.03
CA ALA A 308 -60.29 23.17 31.21
C ALA A 308 -60.37 24.33 30.21
N LYS A 309 -59.55 25.36 30.41
CA LYS A 309 -59.54 26.55 29.52
C LYS A 309 -58.27 27.36 29.71
N GLY B 58 -24.45 -6.74 43.59
CA GLY B 58 -23.89 -8.07 43.98
C GLY B 58 -23.79 -8.22 45.49
N THR B 59 -24.11 -9.42 45.98
CA THR B 59 -24.06 -9.78 47.40
C THR B 59 -25.00 -8.91 48.26
N THR B 60 -24.54 -7.74 48.69
CA THR B 60 -25.31 -6.86 49.57
C THR B 60 -26.32 -6.04 48.77
N LEU B 61 -25.85 -5.41 47.70
CA LEU B 61 -26.69 -4.60 46.80
C LEU B 61 -27.75 -5.44 46.07
N GLN B 62 -27.42 -6.69 45.76
CA GLN B 62 -28.34 -7.60 45.06
C GLN B 62 -29.54 -7.96 45.93
N ASN B 63 -29.28 -8.43 47.14
CA ASN B 63 -30.34 -8.87 48.07
C ASN B 63 -31.22 -7.72 48.57
N LEU B 64 -30.65 -6.52 48.71
CA LEU B 64 -31.39 -5.34 49.15
C LEU B 64 -32.33 -4.84 48.04
N ALA B 65 -31.83 -4.85 46.80
CA ALA B 65 -32.63 -4.45 45.63
C ALA B 65 -33.86 -5.34 45.43
N LYS B 66 -33.69 -6.65 45.61
CA LYS B 66 -34.79 -7.62 45.53
C LYS B 66 -35.77 -7.52 46.71
N GLN B 67 -35.27 -7.10 47.87
CA GLN B 67 -36.11 -6.85 49.05
C GLN B 67 -37.06 -5.65 48.87
N ASN B 68 -36.68 -4.69 48.04
CA ASN B 68 -37.50 -3.49 47.78
C ASN B 68 -38.75 -3.81 46.95
N ARG B 69 -39.62 -2.80 46.83
CA ARG B 69 -40.89 -2.84 46.05
C ARG B 69 -41.93 -3.91 46.45
N ILE B 70 -43.18 -3.67 46.05
CA ILE B 70 -44.31 -4.51 46.43
C ILE B 70 -44.39 -5.73 45.51
N ILE B 71 -44.25 -5.49 44.21
CA ILE B 71 -44.30 -6.55 43.20
C ILE B 71 -42.97 -7.31 43.20
N LYS B 72 -43.02 -8.61 42.94
CA LYS B 72 -41.80 -9.45 42.89
C LYS B 72 -40.93 -9.10 41.69
N GLY C 58 2.47 0.00 22.73
CA GLY C 58 3.14 0.24 21.42
C GLY C 58 3.91 1.55 21.41
N THR C 59 4.97 1.62 22.23
CA THR C 59 5.83 2.79 22.32
C THR C 59 6.73 2.95 21.08
N THR C 60 7.20 1.83 20.54
CA THR C 60 7.94 1.82 19.26
C THR C 60 7.06 2.22 18.07
N LEU C 61 5.77 1.91 18.16
CA LEU C 61 4.78 2.30 17.14
C LEU C 61 4.65 3.82 17.02
N GLN C 62 4.74 4.54 18.14
CA GLN C 62 4.61 6.00 18.17
C GLN C 62 5.70 6.69 17.33
N ASN C 63 6.95 6.31 17.55
CA ASN C 63 8.10 6.91 16.88
C ASN C 63 8.17 6.56 15.39
N LEU C 64 7.88 5.30 15.07
CA LEU C 64 7.94 4.81 13.69
C LEU C 64 6.80 5.38 12.83
N ALA C 65 5.64 5.60 13.43
CA ALA C 65 4.47 6.18 12.74
C ALA C 65 4.76 7.58 12.19
N LYS C 66 5.38 8.43 13.01
CA LYS C 66 5.78 9.78 12.60
C LYS C 66 6.92 9.75 11.58
N GLN C 67 7.80 8.75 11.68
CA GLN C 67 8.89 8.54 10.73
C GLN C 67 8.40 8.12 9.33
N ASN C 68 7.34 7.31 9.29
CA ASN C 68 6.80 6.80 8.02
C ASN C 68 6.14 7.91 7.18
N ARG C 69 5.29 8.72 7.81
CA ARG C 69 4.51 9.74 7.11
C ARG C 69 5.37 10.89 6.58
N ILE C 70 4.86 11.56 5.56
CA ILE C 70 5.61 12.58 4.81
C ILE C 70 5.54 13.95 5.50
N ILE C 71 4.38 14.27 6.08
CA ILE C 71 4.16 15.55 6.76
C ILE C 71 4.95 15.58 8.08
N LYS C 72 5.66 16.68 8.32
CA LYS C 72 6.48 16.83 9.53
C LYS C 72 6.87 18.30 9.77
N PRO D 26 3.06 -17.57 29.71
CA PRO D 26 3.56 -16.91 28.50
C PRO D 26 3.58 -17.84 27.29
N ASP D 27 3.25 -17.30 26.12
CA ASP D 27 3.19 -18.06 24.87
C ASP D 27 4.57 -18.19 24.23
N ASN D 28 4.83 -19.35 23.63
CA ASN D 28 6.08 -19.64 22.92
C ASN D 28 5.81 -19.81 21.43
N VAL D 29 6.89 -19.98 20.65
CA VAL D 29 6.79 -20.18 19.20
C VAL D 29 6.32 -21.61 18.92
N MET D 30 7.12 -22.57 19.40
CA MET D 30 6.83 -24.03 19.37
C MET D 30 5.74 -24.54 18.41
N MET D 31 4.47 -24.34 18.78
CA MET D 31 3.33 -25.05 18.18
C MET D 31 2.19 -24.10 17.79
N HIS D 32 1.04 -24.67 17.42
CA HIS D 32 -0.16 -23.90 17.07
C HIS D 32 -1.43 -24.76 17.21
N GLU D 33 -2.16 -24.54 18.31
CA GLU D 33 -3.50 -25.12 18.48
C GLU D 33 -4.32 -24.28 19.46
N LYS D 34 -4.35 -22.97 19.20
CA LYS D 34 -5.05 -21.99 20.04
C LYS D 34 -6.02 -21.21 19.17
N LYS D 35 -7.32 -21.42 19.40
CA LYS D 35 -8.38 -20.82 18.58
C LYS D 35 -8.53 -19.33 18.88
N ASP D 36 -8.56 -18.98 20.17
CA ASP D 36 -8.56 -17.59 20.61
C ASP D 36 -7.12 -17.06 20.59
N GLY D 37 -6.74 -16.48 19.45
CA GLY D 37 -5.38 -15.95 19.23
C GLY D 37 -5.26 -14.48 19.55
N THR D 38 -5.35 -14.14 20.84
CA THR D 38 -5.15 -12.76 21.31
C THR D 38 -3.65 -12.43 21.20
N LEU D 39 -3.31 -11.52 20.30
CA LEU D 39 -1.91 -11.24 19.97
C LEU D 39 -1.19 -10.50 21.10
N MET D 40 0.05 -10.93 21.37
CA MET D 40 0.91 -10.28 22.37
C MET D 40 1.57 -9.06 21.72
N ASN D 41 1.99 -8.11 22.55
CA ASN D 41 2.70 -6.90 22.09
C ASN D 41 3.94 -7.14 21.20
N GLU D 42 4.56 -8.33 21.34
CA GLU D 42 5.66 -8.76 20.46
C GLU D 42 5.23 -8.85 18.99
N PHE D 43 4.03 -9.37 18.73
CA PHE D 43 3.49 -9.51 17.37
C PHE D 43 2.35 -8.54 17.01
N THR D 44 1.88 -7.74 17.98
CA THR D 44 0.89 -6.69 17.72
C THR D 44 1.49 -5.54 16.92
N THR D 45 2.71 -5.14 17.25
CA THR D 45 3.39 -4.02 16.60
C THR D 45 3.78 -4.26 15.12
N PRO D 46 4.41 -5.42 14.78
CA PRO D 46 4.77 -5.73 13.39
C PRO D 46 3.65 -5.53 12.36
N ILE D 47 2.47 -6.09 12.62
CA ILE D 47 1.33 -5.98 11.69
C ILE D 47 0.73 -4.57 11.65
N LEU D 48 0.73 -3.88 12.79
CA LEU D 48 0.23 -2.49 12.87
C LEU D 48 1.21 -1.44 12.33
N GLN D 49 2.50 -1.79 12.24
CA GLN D 49 3.51 -0.86 11.71
C GLN D 49 3.40 -0.68 10.19
N GLU D 50 3.23 -1.78 9.46
CA GLU D 50 3.25 -1.75 7.99
C GLU D 50 1.87 -1.52 7.34
N VAL D 51 0.79 -1.57 8.11
CA VAL D 51 -0.54 -1.18 7.62
C VAL D 51 -0.67 0.34 7.41
N MET D 52 0.13 1.11 8.15
CA MET D 52 0.09 2.57 8.09
C MET D 52 0.63 3.14 6.76
N GLU D 53 1.65 2.50 6.20
CA GLU D 53 2.19 2.88 4.88
C GLU D 53 1.15 2.71 3.76
N ASN D 54 0.32 1.68 3.87
CA ASN D 54 -0.79 1.46 2.94
C ASN D 54 -1.89 2.51 3.11
N SER D 55 -2.19 2.87 4.36
CA SER D 55 -3.22 3.86 4.68
C SER D 55 -2.84 5.28 4.23
N LYS D 56 -3.81 6.00 3.70
CA LYS D 56 -3.63 7.39 3.26
C LYS D 56 -3.91 8.36 4.41
N ILE D 57 -5.03 8.15 5.10
CA ILE D 57 -5.46 8.99 6.23
C ILE D 57 -4.46 9.02 7.40
N MET D 58 -3.75 7.91 7.63
CA MET D 58 -2.75 7.82 8.71
C MET D 58 -1.58 8.77 8.47
N GLN D 59 -1.09 8.83 7.22
CA GLN D 59 -0.01 9.74 6.83
C GLN D 59 -0.40 11.21 6.98
N LEU D 60 -1.67 11.52 6.71
CA LEU D 60 -2.22 12.87 6.90
C LEU D 60 -2.33 13.21 8.39
N GLY D 61 -2.80 12.26 9.19
CA GLY D 61 -3.01 12.45 10.64
C GLY D 61 -1.78 12.15 11.47
N LYS D 62 -2.01 11.83 12.74
CA LYS D 62 -0.95 11.60 13.73
C LYS D 62 -1.35 10.55 14.77
N TYR D 63 -0.34 9.86 15.32
CA TYR D 63 -0.54 8.79 16.30
C TYR D 63 -0.32 9.30 17.73
N GLU D 64 -0.99 8.66 18.68
CA GLU D 64 -0.78 8.89 20.11
C GLU D 64 -1.25 7.67 20.92
N PRO D 65 -0.98 7.64 22.25
CA PRO D 65 -1.55 6.61 23.12
C PRO D 65 -2.78 7.10 23.90
N MET D 66 -3.41 6.18 24.64
CA MET D 66 -4.59 6.49 25.46
C MET D 66 -4.85 5.42 26.53
N GLU D 67 -5.93 5.59 27.29
CA GLU D 67 -6.39 4.58 28.27
C GLU D 67 -7.35 3.55 27.67
N GLY D 68 -8.22 4.00 26.77
CA GLY D 68 -9.23 3.12 26.14
C GLY D 68 -10.29 3.94 25.42
N THR D 69 -10.93 4.84 26.17
CA THR D 69 -11.78 5.90 25.63
C THR D 69 -11.28 7.22 26.23
N GLU D 70 -11.26 8.29 25.41
CA GLU D 70 -10.58 9.53 25.78
C GLU D 70 -11.44 10.79 25.67
N LYS D 71 -10.93 11.87 26.24
CA LYS D 71 -11.48 13.21 26.10
C LYS D 71 -10.33 14.22 26.00
N LYS D 72 -10.41 15.10 25.00
CA LYS D 72 -9.35 16.07 24.69
C LYS D 72 -9.83 17.48 24.97
N PHE D 73 -8.91 18.35 25.39
CA PHE D 73 -9.21 19.76 25.67
C PHE D 73 -8.48 20.68 24.70
N THR D 74 -8.92 21.93 24.65
CA THR D 74 -8.50 22.90 23.63
C THR D 74 -8.33 24.32 24.22
N PHE D 75 -8.01 25.28 23.36
CA PHE D 75 -7.99 26.73 23.67
C PHE D 75 -6.78 27.19 24.50
N TRP D 76 -6.61 28.51 24.57
CA TRP D 76 -5.34 29.16 24.94
C TRP D 76 -5.54 30.17 26.09
N ALA D 77 -5.47 29.68 27.32
CA ALA D 77 -5.65 30.51 28.51
C ALA D 77 -4.35 31.26 28.86
N ASP D 78 -4.30 32.54 28.52
CA ASP D 78 -3.13 33.39 28.79
C ASP D 78 -3.49 34.61 29.64
N LYS D 79 -2.53 35.07 30.44
CA LYS D 79 -2.68 36.30 31.21
C LYS D 79 -1.31 36.83 31.69
N PRO D 80 -1.19 38.16 31.91
CA PRO D 80 0.05 38.73 32.46
C PRO D 80 0.14 38.58 33.98
N GLY D 81 1.19 39.15 34.58
CA GLY D 81 1.40 39.10 36.03
C GLY D 81 0.31 39.81 36.82
N ALA D 82 0.41 41.14 36.88
CA ALA D 82 -0.60 41.97 37.56
C ALA D 82 -0.59 43.42 37.07
N TYR D 83 -0.56 43.61 35.75
CA TYR D 83 -0.63 44.94 35.14
C TYR D 83 -2.09 45.41 35.07
N TRP D 84 -2.92 44.59 34.42
CA TRP D 84 -4.36 44.87 34.29
C TRP D 84 -5.10 43.59 33.89
N VAL D 85 -6.33 43.43 34.39
CA VAL D 85 -7.14 42.23 34.15
C VAL D 85 -7.76 42.30 32.76
N GLY D 86 -7.70 41.19 32.02
CA GLY D 86 -8.17 41.14 30.64
C GLY D 86 -9.68 41.22 30.51
N GLU D 87 -10.15 41.84 29.43
CA GLU D 87 -11.59 42.02 29.18
C GLU D 87 -12.22 40.72 28.68
N GLY D 88 -11.63 40.15 27.64
CA GLY D 88 -12.08 38.87 27.09
C GLY D 88 -11.69 37.70 27.97
N GLN D 89 -12.47 36.62 27.89
CA GLN D 89 -12.25 35.41 28.68
C GLN D 89 -12.34 34.15 27.81
N LYS D 90 -11.52 33.16 28.14
CA LYS D 90 -11.41 31.92 27.35
C LYS D 90 -12.52 30.91 27.68
N ILE D 91 -12.69 29.95 26.79
CA ILE D 91 -13.64 28.85 26.96
C ILE D 91 -12.86 27.53 26.93
N GLU D 92 -13.25 26.60 27.80
CA GLU D 92 -12.59 25.30 27.96
C GLU D 92 -13.61 24.19 27.67
N THR D 93 -13.36 23.38 26.65
CA THR D 93 -14.35 22.42 26.12
C THR D 93 -13.75 21.02 25.92
N SER D 94 -14.57 20.00 26.13
CA SER D 94 -14.18 18.59 25.99
C SER D 94 -14.59 18.03 24.61
N LYS D 95 -13.77 17.10 24.10
CA LYS D 95 -14.03 16.44 22.81
C LYS D 95 -13.58 14.98 22.88
N ALA D 96 -14.53 14.04 22.75
CA ALA D 96 -14.27 12.61 22.94
C ALA D 96 -14.10 11.83 21.63
N THR D 97 -13.48 10.65 21.74
CA THR D 97 -13.25 9.74 20.61
C THR D 97 -13.34 8.28 21.06
N TRP D 98 -14.07 7.45 20.32
CA TRP D 98 -14.29 6.04 20.68
C TRP D 98 -14.65 5.18 19.45
N VAL D 99 -15.36 4.05 19.65
CA VAL D 99 -15.88 3.16 18.57
C VAL D 99 -14.79 2.20 18.04
N ASN D 100 -15.19 0.97 17.76
CA ASN D 100 -14.31 -0.09 17.24
C ASN D 100 -14.77 -0.57 15.85
N ALA D 101 -14.05 -1.53 15.29
CA ALA D 101 -14.39 -2.10 13.96
C ALA D 101 -13.92 -3.55 13.84
N THR D 102 -14.88 -4.48 13.77
CA THR D 102 -14.61 -5.92 13.78
C THR D 102 -14.83 -6.56 12.40
N MET D 103 -13.92 -7.46 12.02
CA MET D 103 -13.91 -8.09 10.68
C MET D 103 -13.80 -9.61 10.77
N ARG D 104 -14.33 -10.30 9.76
CA ARG D 104 -14.15 -11.75 9.58
C ARG D 104 -13.57 -12.02 8.20
N ALA D 105 -12.26 -12.28 8.14
CA ALA D 105 -11.55 -12.55 6.90
C ALA D 105 -11.36 -14.06 6.69
N PHE D 106 -11.49 -14.51 5.44
CA PHE D 106 -11.21 -15.90 5.07
C PHE D 106 -9.72 -16.18 5.21
N LYS D 107 -8.93 -15.43 4.41
CA LYS D 107 -7.46 -15.49 4.35
C LYS D 107 -6.80 -16.83 4.76
N LEU D 108 -6.53 -17.01 6.07
CA LEU D 108 -5.75 -18.15 6.58
C LEU D 108 -6.61 -19.31 7.10
N GLY D 109 -7.84 -19.01 7.51
CA GLY D 109 -8.85 -20.05 7.75
C GLY D 109 -9.17 -20.84 6.48
N VAL D 110 -9.08 -20.18 5.34
CA VAL D 110 -9.15 -20.82 4.02
C VAL D 110 -8.06 -21.89 3.82
N ILE D 111 -6.90 -21.71 4.47
CA ILE D 111 -5.82 -22.70 4.46
C ILE D 111 -5.94 -23.69 5.64
N LEU D 112 -7.17 -24.06 6.00
CA LEU D 112 -7.43 -25.13 6.99
C LEU D 112 -7.00 -26.52 6.50
N PRO D 113 -7.10 -26.80 5.18
CA PRO D 113 -6.58 -28.10 4.67
C PRO D 113 -5.10 -28.39 4.94
N VAL D 114 -4.29 -27.34 5.14
CA VAL D 114 -2.89 -27.50 5.59
C VAL D 114 -2.54 -26.53 6.73
N THR D 115 -3.39 -26.49 7.76
CA THR D 115 -3.08 -25.80 9.03
C THR D 115 -1.99 -26.52 9.82
N LYS D 116 -1.87 -27.85 9.63
CA LYS D 116 -0.79 -28.64 10.21
C LYS D 116 0.59 -28.30 9.60
N GLU D 117 0.60 -27.86 8.35
CA GLU D 117 1.80 -27.29 7.72
C GLU D 117 2.09 -25.88 8.27
N PHE D 118 1.03 -25.11 8.51
CA PHE D 118 1.15 -23.79 9.17
C PHE D 118 1.52 -23.90 10.66
N LEU D 119 1.22 -25.05 11.27
CA LEU D 119 1.74 -25.40 12.60
C LEU D 119 3.26 -25.60 12.54
N ASN D 120 3.76 -26.21 11.46
CA ASN D 120 5.19 -26.37 11.22
C ASN D 120 5.89 -25.01 10.99
N TYR D 121 5.19 -24.06 10.36
CA TYR D 121 5.66 -22.67 10.28
C TYR D 121 5.61 -21.99 11.65
N THR D 122 4.57 -22.32 12.44
CA THR D 122 4.39 -21.94 13.86
C THR D 122 3.52 -20.68 14.05
N TYR D 123 3.13 -20.46 15.30
CA TYR D 123 2.34 -19.29 15.74
C TYR D 123 2.98 -17.95 15.33
N SER D 124 4.31 -17.89 15.32
CA SER D 124 5.04 -16.69 14.91
C SER D 124 4.89 -16.39 13.43
N GLN D 125 5.16 -17.38 12.59
CA GLN D 125 5.06 -17.23 11.12
C GLN D 125 3.63 -17.18 10.59
N PHE D 126 2.65 -17.62 11.39
CA PHE D 126 1.23 -17.57 11.01
C PHE D 126 0.80 -16.14 10.67
N PHE D 127 1.04 -15.21 11.60
CA PHE D 127 0.66 -13.80 11.42
C PHE D 127 1.56 -13.04 10.44
N GLU D 128 2.78 -13.54 10.20
CA GLU D 128 3.67 -12.95 9.18
C GLU D 128 3.17 -13.17 7.75
N GLU D 129 2.47 -14.28 7.51
CA GLU D 129 1.80 -14.52 6.21
C GLU D 129 0.48 -13.76 6.07
N MET D 130 -0.16 -13.46 7.20
CA MET D 130 -1.32 -12.55 7.24
C MET D 130 -0.95 -11.07 7.09
N LYS D 131 0.30 -10.73 7.39
CA LYS D 131 0.77 -9.33 7.46
C LYS D 131 0.48 -8.46 6.22
N PRO D 132 0.56 -9.04 4.99
CA PRO D 132 0.11 -8.34 3.80
C PRO D 132 -1.19 -8.93 3.22
N MET D 133 -2.13 -9.30 4.09
CA MET D 133 -3.41 -9.90 3.67
C MET D 133 -4.59 -9.27 4.42
N ILE D 134 -4.66 -9.47 5.74
CA ILE D 134 -5.69 -8.84 6.57
C ILE D 134 -5.46 -7.33 6.72
N ALA D 135 -4.20 -6.90 6.67
CA ALA D 135 -3.85 -5.48 6.67
C ALA D 135 -4.30 -4.79 5.38
N GLU D 136 -4.14 -5.47 4.25
CA GLU D 136 -4.59 -4.95 2.94
C GLU D 136 -6.11 -4.78 2.86
N ALA D 137 -6.85 -5.68 3.52
CA ALA D 137 -8.32 -5.56 3.61
C ALA D 137 -8.74 -4.48 4.60
N PHE D 138 -7.98 -4.30 5.67
CA PHE D 138 -8.30 -3.36 6.74
C PHE D 138 -8.20 -1.88 6.35
N TYR D 139 -7.12 -1.50 5.65
CA TYR D 139 -6.85 -0.10 5.32
C TYR D 139 -7.80 0.48 4.26
N LYS D 140 -8.22 -0.36 3.31
CA LYS D 140 -9.12 0.06 2.22
C LYS D 140 -10.51 0.45 2.73
N LYS D 141 -10.99 -0.26 3.74
CA LYS D 141 -12.22 0.11 4.45
C LYS D 141 -12.08 1.42 5.23
N PHE D 142 -10.94 1.60 5.89
CA PHE D 142 -10.70 2.76 6.77
C PHE D 142 -10.69 4.08 6.00
N ASP D 143 -10.06 4.10 4.83
CA ASP D 143 -10.00 5.30 3.98
C ASP D 143 -11.36 5.69 3.42
N GLU D 144 -12.22 4.70 3.16
CA GLU D 144 -13.59 4.94 2.71
C GLU D 144 -14.47 5.55 3.81
N ALA D 145 -14.16 5.24 5.08
CA ALA D 145 -14.86 5.80 6.24
C ALA D 145 -14.36 7.19 6.62
N GLY D 146 -13.04 7.40 6.53
CA GLY D 146 -12.42 8.66 6.97
C GLY D 146 -12.64 9.82 6.02
N ILE D 147 -12.20 9.67 4.78
CA ILE D 147 -12.25 10.75 3.78
C ILE D 147 -13.64 10.80 3.17
N LEU D 148 -14.07 9.68 2.60
CA LEU D 148 -15.42 9.54 2.05
C LEU D 148 -16.41 9.23 3.19
N ASN D 149 -17.69 9.15 2.85
CA ASN D 149 -18.72 8.68 3.77
C ASN D 149 -19.67 7.72 3.04
N GLN D 150 -19.07 6.75 2.35
CA GLN D 150 -19.80 5.79 1.52
C GLN D 150 -20.09 4.51 2.30
N GLY D 151 -19.05 3.92 2.88
CA GLY D 151 -19.17 2.65 3.59
C GLY D 151 -19.94 2.75 4.89
N ASN D 152 -20.46 1.61 5.35
CA ASN D 152 -21.28 1.53 6.55
C ASN D 152 -20.43 1.21 7.79
N ASN D 153 -19.58 2.17 8.16
CA ASN D 153 -18.86 2.13 9.44
C ASN D 153 -18.55 3.57 9.90
N PRO D 154 -19.58 4.43 10.00
CA PRO D 154 -19.35 5.82 10.35
C PRO D 154 -19.31 6.05 11.87
N PHE D 155 -18.56 7.07 12.28
CA PHE D 155 -18.46 7.46 13.70
C PHE D 155 -17.88 8.86 13.90
N GLY D 156 -16.76 9.16 13.23
CA GLY D 156 -16.13 10.47 13.26
C GLY D 156 -16.28 11.17 11.92
N LYS D 157 -17.54 11.43 11.55
CA LYS D 157 -17.89 12.16 10.31
C LYS D 157 -17.05 13.42 10.07
N SER D 158 -15.91 13.24 9.41
CA SER D 158 -14.86 14.27 9.31
C SER D 158 -14.91 15.06 8.00
N ILE D 159 -14.32 14.51 6.94
CA ILE D 159 -13.99 15.28 5.73
C ILE D 159 -15.21 15.52 4.85
N ALA D 160 -16.03 14.49 4.67
CA ALA D 160 -17.27 14.61 3.89
C ALA D 160 -18.28 15.56 4.54
N GLN D 161 -18.40 15.49 5.86
CA GLN D 161 -19.34 16.32 6.62
C GLN D 161 -18.86 17.77 6.78
N SER D 162 -17.54 17.98 6.88
CA SER D 162 -16.96 19.33 6.99
C SER D 162 -17.22 20.20 5.75
N ILE D 163 -17.26 19.57 4.58
CA ILE D 163 -17.57 20.26 3.32
C ILE D 163 -19.05 20.68 3.27
N GLU D 164 -19.93 19.84 3.82
CA GLU D 164 -21.37 20.14 3.91
C GLU D 164 -21.70 21.28 4.86
N LYS D 165 -21.07 21.28 6.04
CA LYS D 165 -21.28 22.35 7.04
C LYS D 165 -20.68 23.67 6.59
N THR D 166 -19.35 23.73 6.49
CA THR D 166 -18.64 24.91 6.03
C THR D 166 -18.35 24.76 4.54
N ASN D 167 -19.07 25.52 3.72
CA ASN D 167 -18.99 25.42 2.27
C ASN D 167 -17.66 26.00 1.74
N LYS D 168 -16.71 25.12 1.47
CA LYS D 168 -15.41 25.48 0.90
C LYS D 168 -15.23 24.90 -0.50
N VAL D 169 -16.34 24.79 -1.25
CA VAL D 169 -16.33 24.22 -2.61
C VAL D 169 -16.00 25.33 -3.61
N ILE D 170 -15.16 25.00 -4.59
CA ILE D 170 -14.71 25.94 -5.63
C ILE D 170 -15.05 25.36 -7.00
N LYS D 171 -15.25 26.24 -7.99
CA LYS D 171 -15.56 25.82 -9.35
C LYS D 171 -14.35 25.17 -10.03
N GLY D 172 -14.62 24.19 -10.89
CA GLY D 172 -13.58 23.35 -11.47
C GLY D 172 -12.77 23.98 -12.59
N ASP D 173 -11.61 24.52 -12.24
CA ASP D 173 -10.61 25.00 -13.21
C ASP D 173 -9.20 24.64 -12.71
N PHE D 174 -8.23 24.65 -13.63
CA PHE D 174 -6.85 24.29 -13.31
C PHE D 174 -5.87 25.40 -13.71
N THR D 175 -5.64 26.32 -12.76
CA THR D 175 -4.67 27.39 -12.88
C THR D 175 -3.99 27.56 -11.51
N GLN D 176 -2.85 28.25 -11.48
CA GLN D 176 -2.17 28.56 -10.20
C GLN D 176 -3.01 29.45 -9.27
N ASP D 177 -3.88 30.27 -9.85
CA ASP D 177 -4.81 31.11 -9.07
C ASP D 177 -5.81 30.27 -8.27
N ASN D 178 -6.30 29.17 -8.86
CA ASN D 178 -7.20 28.23 -8.16
C ASN D 178 -6.50 27.49 -7.02
N ILE D 179 -5.21 27.21 -7.18
CA ILE D 179 -4.41 26.56 -6.12
C ILE D 179 -4.21 27.51 -4.93
N ILE D 180 -3.93 28.78 -5.22
CA ILE D 180 -3.80 29.82 -4.18
C ILE D 180 -5.18 30.11 -3.54
N ASP D 181 -6.25 30.04 -4.33
CA ASP D 181 -7.61 30.22 -3.84
C ASP D 181 -8.02 29.13 -2.85
N LEU D 182 -7.65 27.88 -3.13
CA LEU D 182 -7.88 26.75 -2.21
C LEU D 182 -7.19 26.96 -0.86
N GLU D 183 -5.94 27.42 -0.90
CA GLU D 183 -5.18 27.73 0.31
C GLU D 183 -5.71 28.97 1.04
N ALA D 184 -6.09 29.99 0.29
CA ALA D 184 -6.57 31.26 0.85
C ALA D 184 -7.84 31.13 1.70
N LEU D 185 -8.76 30.26 1.29
CA LEU D 185 -10.00 30.01 2.04
C LEU D 185 -9.74 29.37 3.40
N LEU D 186 -8.87 28.37 3.43
CA LEU D 186 -8.47 27.71 4.69
C LEU D 186 -7.51 28.57 5.54
N GLU D 187 -6.74 29.46 4.90
CA GLU D 187 -5.84 30.38 5.62
C GLU D 187 -6.59 31.54 6.30
N ASP D 188 -7.84 31.79 5.91
CA ASP D 188 -8.67 32.84 6.52
C ASP D 188 -8.85 32.66 8.04
N ASP D 189 -8.98 31.42 8.49
CA ASP D 189 -9.08 31.09 9.92
C ASP D 189 -7.78 30.45 10.45
N GLU D 190 -6.66 31.10 10.19
CA GLU D 190 -5.33 30.76 10.77
C GLU D 190 -4.71 29.39 10.41
N LEU D 191 -5.43 28.53 9.68
CA LEU D 191 -4.95 27.17 9.42
C LEU D 191 -4.03 27.17 8.20
N GLU D 192 -2.81 26.64 8.38
CA GLU D 192 -1.81 26.61 7.32
C GLU D 192 -2.07 25.43 6.38
N ALA D 193 -1.81 25.63 5.09
CA ALA D 193 -1.92 24.57 4.08
C ALA D 193 -0.76 23.60 4.25
N ASN D 194 -1.07 22.33 4.51
CA ASN D 194 -0.06 21.33 4.87
C ASN D 194 0.23 20.35 3.73
N ALA D 195 -0.81 19.73 3.19
CA ALA D 195 -0.65 18.70 2.15
C ALA D 195 -1.93 18.47 1.34
N PHE D 196 -1.76 18.10 0.07
CA PHE D 196 -2.87 17.84 -0.86
C PHE D 196 -3.23 16.36 -0.91
N ILE D 197 -4.48 16.08 -1.31
CA ILE D 197 -4.97 14.72 -1.54
C ILE D 197 -5.72 14.69 -2.88
N SER D 198 -5.07 14.13 -3.90
CA SER D 198 -5.65 14.00 -5.26
C SER D 198 -5.28 12.65 -5.85
N LYS D 199 -6.27 11.96 -6.44
CA LYS D 199 -6.07 10.61 -6.98
C LYS D 199 -5.22 10.58 -8.27
N THR D 200 -4.81 9.38 -8.65
CA THR D 200 -3.91 9.15 -9.80
C THR D 200 -4.50 9.56 -11.15
N GLN D 201 -5.83 9.45 -11.30
CA GLN D 201 -6.50 9.91 -12.53
C GLN D 201 -6.42 11.43 -12.69
N ASN D 202 -6.50 12.17 -11.58
CA ASN D 202 -6.38 13.62 -11.57
C ASN D 202 -4.95 14.10 -11.88
N ARG D 203 -3.96 13.26 -11.61
CA ARG D 203 -2.53 13.53 -11.89
C ARG D 203 -2.25 13.93 -13.34
N SER D 204 -3.03 13.41 -14.29
CA SER D 204 -2.93 13.80 -15.70
C SER D 204 -3.28 15.28 -15.94
N LEU D 205 -4.32 15.76 -15.27
CA LEU D 205 -4.77 17.16 -15.39
C LEU D 205 -3.81 18.17 -14.75
N LEU D 206 -2.96 17.72 -13.82
CA LEU D 206 -1.92 18.56 -13.21
C LEU D 206 -0.73 18.87 -14.14
N ARG D 207 -0.64 18.18 -15.29
CA ARG D 207 0.43 18.41 -16.26
C ARG D 207 0.33 19.79 -16.95
N LYS D 208 -0.87 20.18 -17.33
CA LYS D 208 -1.08 21.39 -18.15
C LYS D 208 -0.89 22.75 -17.45
N ILE D 209 -0.88 22.77 -16.12
CA ILE D 209 -0.78 24.04 -15.36
C ILE D 209 0.58 24.74 -15.54
N VAL D 210 0.55 25.88 -16.24
CA VAL D 210 1.74 26.73 -16.45
C VAL D 210 1.29 28.20 -16.42
N ASP D 211 2.02 29.03 -15.69
CA ASP D 211 1.72 30.47 -15.60
C ASP D 211 2.26 31.23 -16.82
N PRO D 212 1.63 32.37 -17.16
CA PRO D 212 2.09 33.15 -18.32
C PRO D 212 3.39 33.94 -18.10
N GLU D 213 3.51 34.60 -16.95
CA GLU D 213 4.68 35.43 -16.64
C GLU D 213 5.86 34.57 -16.20
N THR D 214 5.69 33.84 -15.10
CA THR D 214 6.72 32.97 -14.55
C THR D 214 6.54 31.54 -15.08
N LYS D 215 7.12 31.27 -16.25
CA LYS D 215 6.96 30.00 -16.93
C LYS D 215 7.76 28.88 -16.27
N GLU D 216 7.07 28.03 -15.51
CA GLU D 216 7.69 26.87 -14.86
C GLU D 216 6.64 25.82 -14.45
N ARG D 217 7.12 24.59 -14.22
CA ARG D 217 6.24 23.50 -13.79
C ARG D 217 5.90 23.64 -12.31
N ILE D 218 4.60 23.64 -12.00
CA ILE D 218 4.11 23.72 -10.64
C ILE D 218 4.16 22.31 -10.04
N TYR D 219 3.51 21.36 -10.71
CA TYR D 219 3.58 19.94 -10.37
C TYR D 219 4.72 19.26 -11.12
N ASP D 220 5.76 18.87 -10.39
CA ASP D 220 6.89 18.14 -10.98
C ASP D 220 6.49 16.69 -11.21
N ARG D 221 7.03 16.09 -12.27
CA ARG D 221 6.70 14.72 -12.67
C ARG D 221 7.36 13.69 -11.76
N ASN D 222 8.67 13.84 -11.55
CA ASN D 222 9.45 12.94 -10.69
C ASN D 222 9.12 13.18 -9.22
N SER D 223 9.32 14.41 -8.77
CA SER D 223 9.03 14.80 -7.38
C SER D 223 7.53 14.96 -7.18
N ASP D 224 6.92 14.03 -6.46
CA ASP D 224 5.48 14.05 -6.22
C ASP D 224 5.12 15.15 -5.23
N SER D 225 4.89 16.36 -5.78
CA SER D 225 4.50 17.53 -4.99
C SER D 225 3.73 18.53 -5.85
N LEU D 226 2.55 18.93 -5.37
CA LEU D 226 1.63 19.77 -6.16
C LEU D 226 2.12 21.22 -6.22
N ASP D 227 2.37 21.81 -5.07
CA ASP D 227 2.95 23.16 -4.97
C ASP D 227 4.02 23.17 -3.87
N GLY D 228 4.91 22.19 -3.93
CA GLY D 228 5.91 21.96 -2.88
C GLY D 228 5.36 21.29 -1.64
N LEU D 229 4.18 20.67 -1.75
CA LEU D 229 3.50 19.98 -0.65
C LEU D 229 3.18 18.54 -1.10
N PRO D 230 3.24 17.57 -0.18
CA PRO D 230 3.14 16.16 -0.59
C PRO D 230 1.73 15.75 -1.02
N VAL D 231 1.66 14.94 -2.08
CA VAL D 231 0.40 14.46 -2.66
C VAL D 231 0.18 12.99 -2.30
N VAL D 232 -1.08 12.62 -2.09
CA VAL D 232 -1.46 11.24 -1.72
C VAL D 232 -2.60 10.77 -2.64
N ASN D 233 -2.36 9.69 -3.37
CA ASN D 233 -3.35 9.13 -4.31
C ASN D 233 -4.38 8.27 -3.59
N LEU D 234 -5.65 8.69 -3.66
CA LEU D 234 -6.77 7.91 -3.11
C LEU D 234 -7.27 6.93 -4.17
N LYS D 235 -7.26 5.63 -3.84
CA LYS D 235 -7.62 4.56 -4.78
C LYS D 235 -9.12 4.27 -4.88
N SER D 236 -9.90 4.69 -3.88
CA SER D 236 -11.36 4.48 -3.89
C SER D 236 -12.01 5.33 -4.98
N SER D 237 -12.63 4.65 -5.96
CA SER D 237 -13.19 5.31 -7.15
C SER D 237 -14.48 6.07 -6.83
N ASN D 238 -14.32 7.33 -6.43
CA ASN D 238 -15.45 8.24 -6.16
C ASN D 238 -15.16 9.65 -6.69
N LEU D 239 -14.10 10.27 -6.18
CA LEU D 239 -13.68 11.61 -6.61
C LEU D 239 -13.00 11.54 -7.98
N LYS D 240 -13.53 12.27 -8.95
CA LYS D 240 -12.98 12.27 -10.33
C LYS D 240 -11.79 13.22 -10.44
N ARG D 241 -11.96 14.44 -9.96
CA ARG D 241 -10.93 15.49 -10.02
C ARG D 241 -10.78 16.14 -8.64
N GLY D 242 -10.61 15.32 -7.61
CA GLY D 242 -10.57 15.79 -6.22
C GLY D 242 -9.27 16.48 -5.84
N GLU D 243 -9.38 17.54 -5.04
CA GLU D 243 -8.23 18.28 -4.52
C GLU D 243 -8.49 18.75 -3.09
N LEU D 244 -8.22 17.86 -2.13
CA LEU D 244 -8.53 18.09 -0.71
C LEU D 244 -7.28 18.48 0.08
N ILE D 245 -7.43 19.44 1.00
CA ILE D 245 -6.32 19.95 1.82
C ILE D 245 -6.73 20.02 3.29
N THR D 246 -5.97 19.39 4.18
CA THR D 246 -6.23 19.43 5.63
C THR D 246 -4.92 19.40 6.45
N GLY D 247 -4.32 18.22 6.61
CA GLY D 247 -3.11 18.06 7.41
C GLY D 247 -3.27 18.30 8.91
N ASP D 248 -4.34 17.75 9.48
CA ASP D 248 -4.63 17.89 10.92
C ASP D 248 -5.66 16.85 11.37
N PHE D 249 -5.16 15.70 11.82
CA PHE D 249 -6.01 14.57 12.21
C PHE D 249 -5.38 13.72 13.31
N ASP D 250 -6.20 12.87 13.92
CA ASP D 250 -5.76 11.88 14.90
C ASP D 250 -6.34 10.51 14.57
N LYS D 251 -5.46 9.61 14.11
CA LYS D 251 -5.79 8.20 13.92
C LYS D 251 -5.01 7.38 14.94
N LEU D 252 -5.64 6.35 15.48
CA LEU D 252 -5.10 5.60 16.61
C LEU D 252 -5.67 4.18 16.68
N ILE D 253 -4.78 3.21 16.87
CA ILE D 253 -5.13 1.79 16.99
C ILE D 253 -4.71 1.33 18.38
N TYR D 254 -5.69 1.13 19.26
CA TYR D 254 -5.45 0.76 20.66
C TYR D 254 -5.65 -0.73 20.92
N GLY D 255 -4.97 -1.24 21.95
CA GLY D 255 -5.20 -2.58 22.45
C GLY D 255 -4.64 -3.68 21.57
N ILE D 256 -5.48 -4.69 21.31
CA ILE D 256 -5.08 -5.90 20.61
C ILE D 256 -6.02 -6.13 19.41
N PRO D 257 -5.46 -6.41 18.21
CA PRO D 257 -6.27 -6.84 17.07
C PRO D 257 -7.08 -8.12 17.31
N GLN D 258 -6.46 -9.11 17.93
CA GLN D 258 -7.13 -10.33 18.43
C GLN D 258 -7.57 -11.28 17.29
N LEU D 259 -7.73 -12.56 17.62
CA LEU D 259 -8.13 -13.58 16.65
C LEU D 259 -9.11 -14.58 17.26
N ILE D 260 -10.11 -14.99 16.46
CA ILE D 260 -11.03 -16.09 16.82
C ILE D 260 -11.30 -16.93 15.57
N GLU D 261 -11.27 -18.25 15.73
CA GLU D 261 -11.58 -19.20 14.66
C GLU D 261 -12.88 -19.93 14.96
N TYR D 262 -13.68 -20.17 13.91
CA TYR D 262 -14.98 -20.84 14.05
C TYR D 262 -15.35 -21.61 12.76
N LYS D 263 -16.29 -22.54 12.90
CA LYS D 263 -16.78 -23.34 11.76
C LYS D 263 -18.31 -23.31 11.69
N ILE D 264 -18.89 -22.13 11.91
CA ILE D 264 -20.35 -21.96 11.99
C ILE D 264 -20.93 -21.39 10.69
N ASP D 265 -22.26 -21.47 10.57
CA ASP D 265 -22.99 -20.97 9.41
C ASP D 265 -23.13 -19.45 9.52
N GLU D 266 -22.47 -18.72 8.61
CA GLU D 266 -22.51 -17.25 8.60
C GLU D 266 -23.82 -16.76 7.99
N THR D 267 -24.44 -15.76 8.63
CA THR D 267 -25.66 -15.13 8.13
C THR D 267 -25.29 -14.13 7.03
N ALA D 268 -24.40 -13.21 7.35
CA ALA D 268 -23.88 -12.23 6.39
C ALA D 268 -22.78 -12.85 5.54
N GLN D 269 -23.19 -13.66 4.56
CA GLN D 269 -22.26 -14.34 3.65
C GLN D 269 -22.99 -14.90 2.42
N LEU D 270 -22.27 -14.96 1.30
CA LEU D 270 -22.78 -15.54 0.06
C LEU D 270 -21.72 -16.47 -0.54
N SER D 271 -22.14 -17.69 -0.90
CA SER D 271 -21.19 -18.73 -1.35
C SER D 271 -20.78 -18.55 -2.82
N THR D 272 -21.72 -18.85 -3.74
CA THR D 272 -21.41 -18.92 -5.18
C THR D 272 -22.20 -17.87 -5.98
N VAL D 273 -23.53 -18.01 -5.97
CA VAL D 273 -24.43 -17.11 -6.73
C VAL D 273 -25.64 -16.68 -5.89
N LYS D 274 -26.44 -17.66 -5.47
CA LYS D 274 -27.63 -17.41 -4.66
C LYS D 274 -27.71 -18.46 -3.53
N ASN D 275 -26.62 -18.58 -2.78
CA ASN D 275 -26.46 -19.58 -1.73
C ASN D 275 -25.85 -18.94 -0.47
N GLU D 276 -25.77 -19.72 0.60
CA GLU D 276 -25.17 -19.29 1.87
C GLU D 276 -24.04 -20.23 2.27
N ASP D 277 -23.06 -19.70 3.01
CA ASP D 277 -21.82 -20.43 3.32
C ASP D 277 -22.03 -21.55 4.35
N GLY D 278 -22.22 -22.78 3.85
CA GLY D 278 -22.34 -23.97 4.70
C GLY D 278 -20.97 -24.44 5.18
N THR D 279 -20.53 -23.86 6.29
CA THR D 279 -19.19 -24.13 6.85
C THR D 279 -19.02 -25.54 7.46
N PRO D 280 -20.10 -26.18 7.96
CA PRO D 280 -19.95 -27.57 8.42
C PRO D 280 -19.60 -28.57 7.32
N VAL D 281 -20.28 -28.49 6.18
CA VAL D 281 -20.09 -29.45 5.08
C VAL D 281 -18.81 -29.12 4.31
N ASN D 282 -18.74 -27.89 3.81
CA ASN D 282 -17.53 -27.40 3.11
C ASN D 282 -16.45 -27.10 4.15
N LEU D 283 -15.30 -27.79 4.04
CA LEU D 283 -14.24 -27.71 5.06
C LEU D 283 -13.50 -26.37 5.02
N PHE D 284 -14.17 -25.32 5.48
CA PHE D 284 -13.68 -23.94 5.46
C PHE D 284 -13.39 -23.50 6.90
N GLU D 285 -12.85 -22.30 7.04
CA GLU D 285 -12.70 -21.65 8.35
C GLU D 285 -12.58 -20.13 8.19
N GLN D 286 -13.02 -19.40 9.22
CA GLN D 286 -13.05 -17.93 9.20
C GLN D 286 -12.26 -17.38 10.39
N ASP D 287 -11.51 -16.31 10.14
CA ASP D 287 -10.70 -15.66 11.18
C ASP D 287 -11.28 -14.29 11.56
N MET D 288 -11.87 -14.22 12.75
CA MET D 288 -12.45 -12.97 13.27
C MET D 288 -11.34 -12.07 13.82
N VAL D 289 -11.39 -10.79 13.49
CA VAL D 289 -10.36 -9.81 13.88
C VAL D 289 -11.05 -8.56 14.44
N ALA D 290 -10.85 -8.28 15.74
CA ALA D 290 -11.50 -7.16 16.43
C ALA D 290 -10.55 -5.97 16.62
N LEU D 291 -10.50 -5.10 15.60
CA LEU D 291 -9.63 -3.92 15.61
C LEU D 291 -10.33 -2.68 16.18
N ARG D 292 -9.54 -1.68 16.51
CA ARG D 292 -10.03 -0.42 17.09
C ARG D 292 -9.72 0.75 16.14
N ALA D 293 -10.65 1.71 16.07
CA ALA D 293 -10.54 2.87 15.19
C ALA D 293 -10.70 4.17 15.98
N THR D 294 -10.12 5.25 15.46
CA THR D 294 -10.19 6.57 16.09
C THR D 294 -10.17 7.68 15.04
N MET D 295 -11.02 8.69 15.22
CA MET D 295 -11.09 9.85 14.33
C MET D 295 -11.38 11.14 15.12
N HIS D 296 -10.79 12.24 14.68
CA HIS D 296 -11.04 13.57 15.26
C HIS D 296 -11.27 14.57 14.13
N VAL D 297 -12.09 15.59 14.40
CA VAL D 297 -12.48 16.57 13.39
C VAL D 297 -12.13 18.00 13.81
N ALA D 298 -11.26 18.64 13.03
CA ALA D 298 -11.03 20.09 13.10
C ALA D 298 -11.59 20.68 11.81
N LEU D 299 -12.74 21.35 11.91
CA LEU D 299 -13.58 21.63 10.75
C LEU D 299 -13.13 22.87 9.95
N HIS D 300 -12.07 22.69 9.16
CA HIS D 300 -11.60 23.69 8.19
C HIS D 300 -10.88 22.97 7.04
N ILE D 301 -11.67 22.49 6.08
CA ILE D 301 -11.17 21.67 4.96
C ILE D 301 -11.79 22.16 3.65
N ALA D 302 -10.98 22.20 2.58
CA ALA D 302 -11.41 22.65 1.26
C ALA D 302 -11.50 21.49 0.26
N ASP D 303 -12.17 21.73 -0.86
CA ASP D 303 -12.34 20.74 -1.92
C ASP D 303 -12.69 21.40 -3.26
N ASP D 304 -12.32 20.74 -4.35
CA ASP D 304 -12.62 21.19 -5.72
C ASP D 304 -12.86 19.97 -6.62
N LYS D 305 -13.71 20.12 -7.64
CA LYS D 305 -14.04 19.02 -8.55
C LYS D 305 -14.18 19.47 -10.02
N ALA D 306 -15.34 20.00 -10.40
CA ALA D 306 -15.66 20.23 -11.82
C ALA D 306 -16.62 21.40 -12.05
N PHE D 307 -16.60 21.92 -13.27
CA PHE D 307 -17.43 23.07 -13.66
C PHE D 307 -18.88 22.64 -13.88
N ALA D 308 -19.11 21.80 -14.90
CA ALA D 308 -20.44 21.33 -15.27
C ALA D 308 -20.52 19.80 -15.22
N LYS D 309 -19.74 19.13 -16.07
CA LYS D 309 -19.73 17.67 -16.15
C LYS D 309 -18.88 17.07 -15.02
N PRO E 26 25.53 -30.68 -1.37
CA PRO E 26 26.45 -31.46 -2.20
C PRO E 26 27.15 -30.67 -3.30
N ASP E 27 26.36 -29.99 -4.14
CA ASP E 27 26.88 -29.23 -5.29
C ASP E 27 27.15 -27.76 -4.91
N ASN E 28 28.38 -27.49 -4.49
CA ASN E 28 28.82 -26.14 -4.09
C ASN E 28 29.44 -25.45 -5.32
N VAL E 29 30.64 -24.88 -5.19
CA VAL E 29 31.40 -24.39 -6.35
C VAL E 29 31.98 -25.61 -7.08
N MET E 30 33.07 -26.17 -6.55
CA MET E 30 33.63 -27.46 -6.99
C MET E 30 33.87 -27.59 -8.50
N MET E 31 32.92 -28.16 -9.25
CA MET E 31 33.10 -28.47 -10.68
C MET E 31 31.77 -28.74 -11.38
N HIS E 32 31.82 -28.98 -12.69
CA HIS E 32 30.63 -29.37 -13.47
C HIS E 32 30.98 -30.09 -14.77
N GLU E 33 30.94 -31.43 -14.73
CA GLU E 33 30.89 -32.28 -15.93
C GLU E 33 29.58 -33.09 -15.99
N LYS E 34 28.65 -32.80 -15.09
CA LYS E 34 27.41 -33.57 -14.93
C LYS E 34 26.37 -33.16 -15.97
N LYS E 35 25.65 -34.14 -16.51
CA LYS E 35 24.54 -33.87 -17.45
C LYS E 35 23.33 -33.29 -16.72
N ASP E 36 22.97 -33.88 -15.58
CA ASP E 36 21.89 -33.38 -14.73
C ASP E 36 22.42 -32.25 -13.84
N GLY E 37 21.53 -31.30 -13.51
CA GLY E 37 21.88 -30.17 -12.67
C GLY E 37 20.68 -29.49 -12.04
N THR E 38 19.89 -30.27 -11.29
CA THR E 38 18.73 -29.75 -10.56
C THR E 38 19.20 -28.73 -9.53
N LEU E 39 18.64 -27.52 -9.59
CA LEU E 39 19.19 -26.37 -8.88
C LEU E 39 18.89 -26.40 -7.39
N MET E 40 19.76 -25.73 -6.62
CA MET E 40 19.54 -25.49 -5.20
C MET E 40 18.85 -24.14 -5.06
N ASN E 41 18.12 -23.94 -3.96
CA ASN E 41 17.41 -22.67 -3.69
C ASN E 41 18.31 -21.42 -3.67
N GLU E 42 19.60 -21.60 -3.36
CA GLU E 42 20.59 -20.52 -3.45
C GLU E 42 20.76 -20.00 -4.88
N PHE E 43 20.79 -20.90 -5.86
CA PHE E 43 20.95 -20.54 -7.27
C PHE E 43 19.63 -20.29 -8.02
N THR E 44 18.52 -20.79 -7.47
CA THR E 44 17.21 -20.69 -8.10
C THR E 44 16.63 -19.27 -8.04
N THR E 45 16.53 -18.73 -6.83
CA THR E 45 15.90 -17.41 -6.61
C THR E 45 16.63 -16.19 -7.23
N PRO E 46 17.94 -16.30 -7.53
CA PRO E 46 18.53 -15.33 -8.46
C PRO E 46 17.88 -15.32 -9.85
N ILE E 47 17.64 -16.51 -10.41
CA ILE E 47 17.11 -16.66 -11.77
C ILE E 47 15.64 -16.30 -11.84
N LEU E 48 14.85 -16.80 -10.89
CA LEU E 48 13.41 -16.50 -10.82
C LEU E 48 13.08 -15.02 -10.59
N GLN E 49 13.98 -14.30 -9.94
CA GLN E 49 13.86 -12.84 -9.76
C GLN E 49 14.02 -12.11 -11.09
N GLU E 50 14.98 -12.53 -11.90
CA GLU E 50 15.23 -11.92 -13.22
C GLU E 50 14.13 -12.20 -14.25
N VAL E 51 13.32 -13.22 -14.03
CA VAL E 51 12.12 -13.49 -14.85
C VAL E 51 11.08 -12.36 -14.69
N MET E 52 10.99 -11.80 -13.48
CA MET E 52 9.95 -10.83 -13.13
C MET E 52 10.15 -9.45 -13.78
N GLU E 53 11.41 -9.00 -13.89
CA GLU E 53 11.72 -7.70 -14.53
C GLU E 53 11.30 -7.67 -16.01
N ASN E 54 11.63 -8.74 -16.74
CA ASN E 54 11.21 -8.89 -18.14
C ASN E 54 9.70 -9.12 -18.26
N SER E 55 9.14 -9.95 -17.39
CA SER E 55 7.71 -10.29 -17.42
C SER E 55 6.83 -9.10 -17.03
N LYS E 56 5.69 -8.97 -17.70
CA LYS E 56 4.71 -7.92 -17.42
C LYS E 56 3.43 -8.42 -16.72
N ILE E 57 3.06 -9.68 -16.97
CA ILE E 57 1.95 -10.33 -16.27
C ILE E 57 2.11 -10.35 -14.73
N MET E 58 3.36 -10.43 -14.24
CA MET E 58 3.65 -10.40 -12.80
C MET E 58 3.22 -9.09 -12.14
N GLN E 59 3.32 -7.99 -12.88
CA GLN E 59 2.93 -6.67 -12.39
C GLN E 59 1.41 -6.53 -12.31
N LEU E 60 0.71 -7.17 -13.25
CA LEU E 60 -0.75 -7.14 -13.31
C LEU E 60 -1.42 -7.96 -12.20
N GLY E 61 -0.73 -8.98 -11.67
CA GLY E 61 -1.32 -9.93 -10.70
C GLY E 61 -0.55 -10.14 -9.41
N LYS E 62 -1.02 -11.10 -8.62
CA LYS E 62 -0.46 -11.47 -7.32
C LYS E 62 0.17 -12.87 -7.38
N TYR E 63 0.89 -13.26 -6.32
CA TYR E 63 1.74 -14.45 -6.34
C TYR E 63 1.26 -15.69 -5.55
N GLU E 64 0.57 -15.48 -4.42
CA GLU E 64 0.08 -16.57 -3.52
C GLU E 64 0.34 -18.03 -3.97
N PRO E 65 1.32 -18.72 -3.32
CA PRO E 65 1.89 -19.92 -3.90
C PRO E 65 1.18 -21.23 -3.57
N MET E 66 1.61 -22.30 -4.22
CA MET E 66 1.17 -23.67 -3.91
C MET E 66 2.15 -24.70 -4.50
N GLU E 67 2.19 -25.88 -3.89
CA GLU E 67 3.15 -26.93 -4.26
C GLU E 67 2.80 -27.59 -5.60
N GLY E 68 1.93 -28.60 -5.58
CA GLY E 68 1.43 -29.26 -6.79
C GLY E 68 0.13 -28.60 -7.21
N THR E 69 -0.83 -28.62 -6.30
CA THR E 69 -2.09 -27.88 -6.45
C THR E 69 -2.76 -27.71 -5.09
N GLU E 70 -3.12 -26.46 -4.76
CA GLU E 70 -3.87 -26.15 -3.53
C GLU E 70 -5.27 -25.69 -3.87
N LYS E 71 -6.20 -25.90 -2.93
CA LYS E 71 -7.60 -25.52 -3.10
C LYS E 71 -7.89 -24.21 -2.35
N LYS E 72 -7.02 -23.21 -2.52
CA LYS E 72 -7.18 -21.92 -1.83
C LYS E 72 -8.26 -21.06 -2.48
N PHE E 73 -8.51 -19.88 -1.90
CA PHE E 73 -9.67 -19.05 -2.28
C PHE E 73 -9.26 -17.61 -2.60
N THR E 74 -10.17 -16.91 -3.28
CA THR E 74 -9.89 -15.61 -3.89
C THR E 74 -10.92 -14.56 -3.45
N PHE E 75 -10.74 -13.34 -3.94
CA PHE E 75 -11.65 -12.19 -3.73
C PHE E 75 -11.46 -11.54 -2.36
N TRP E 76 -11.55 -10.22 -2.34
CA TRP E 76 -11.28 -9.41 -1.15
C TRP E 76 -12.35 -9.56 -0.06
N ALA E 77 -11.97 -9.20 1.15
CA ALA E 77 -12.89 -9.19 2.30
C ALA E 77 -13.29 -7.75 2.63
N ASP E 78 -14.58 -7.57 2.94
CA ASP E 78 -15.13 -6.27 3.35
C ASP E 78 -15.66 -6.38 4.77
N LYS E 79 -15.46 -5.33 5.57
CA LYS E 79 -15.76 -5.36 6.99
C LYS E 79 -17.25 -5.09 7.27
N PRO E 80 -17.88 -5.93 8.13
CA PRO E 80 -19.26 -5.67 8.56
C PRO E 80 -19.38 -4.55 9.60
N GLY E 81 -18.45 -4.51 10.56
CA GLY E 81 -18.44 -3.49 11.61
C GLY E 81 -19.19 -3.96 12.84
N ALA E 82 -18.80 -3.41 14.00
CA ALA E 82 -19.38 -3.80 15.28
C ALA E 82 -20.79 -3.23 15.52
N TYR E 83 -21.02 -1.99 15.06
CA TYR E 83 -22.30 -1.31 15.27
C TYR E 83 -23.44 -1.91 14.43
N TRP E 84 -23.34 -1.76 13.11
CA TRP E 84 -24.42 -2.16 12.18
C TRP E 84 -24.05 -3.44 11.41
N VAL E 85 -25.07 -4.14 10.93
CA VAL E 85 -24.90 -5.39 10.17
C VAL E 85 -24.22 -5.15 8.81
N GLY E 86 -23.71 -6.24 8.22
CA GLY E 86 -22.95 -6.18 6.97
C GLY E 86 -23.76 -5.71 5.78
N GLU E 87 -24.96 -6.28 5.61
CA GLU E 87 -25.90 -5.94 4.52
C GLU E 87 -25.34 -6.28 3.12
N GLY E 88 -24.36 -5.49 2.65
CA GLY E 88 -23.75 -5.72 1.34
C GLY E 88 -22.85 -6.95 1.35
N GLN E 89 -22.94 -7.77 0.30
CA GLN E 89 -22.19 -9.02 0.19
C GLN E 89 -20.76 -8.78 -0.29
N LYS E 90 -19.87 -9.69 0.09
CA LYS E 90 -18.45 -9.67 -0.36
C LYS E 90 -18.08 -10.88 -1.23
N ILE E 91 -18.61 -12.07 -0.90
CA ILE E 91 -18.53 -13.28 -1.74
C ILE E 91 -17.13 -13.92 -1.73
N GLU E 92 -17.08 -15.24 -1.89
CA GLU E 92 -15.83 -16.01 -2.05
C GLU E 92 -15.88 -16.88 -3.30
N THR E 93 -14.74 -17.47 -3.67
CA THR E 93 -14.63 -18.27 -4.89
C THR E 93 -13.55 -19.37 -4.78
N SER E 94 -13.93 -20.60 -5.13
CA SER E 94 -13.04 -21.76 -5.05
C SER E 94 -12.31 -22.00 -6.37
N LYS E 95 -10.98 -22.08 -6.32
CA LYS E 95 -10.15 -22.38 -7.50
C LYS E 95 -9.05 -23.38 -7.18
N ALA E 96 -8.54 -24.03 -8.23
CA ALA E 96 -7.43 -24.98 -8.11
C ALA E 96 -6.86 -25.24 -9.52
N THR E 97 -5.55 -25.00 -9.68
CA THR E 97 -4.89 -25.06 -10.98
C THR E 97 -3.51 -25.70 -10.91
N TRP E 98 -3.08 -26.31 -12.02
CA TRP E 98 -1.74 -26.93 -12.12
C TRP E 98 -1.31 -27.10 -13.59
N VAL E 99 -0.04 -26.75 -13.87
CA VAL E 99 0.58 -26.91 -15.19
C VAL E 99 2.08 -26.54 -15.10
N ASN E 100 2.89 -27.09 -16.02
CA ASN E 100 4.32 -26.74 -16.13
C ASN E 100 4.63 -26.12 -17.50
N ALA E 101 5.71 -25.33 -17.54
CA ALA E 101 6.19 -24.67 -18.76
C ALA E 101 7.65 -25.04 -19.00
N THR E 102 7.91 -25.80 -20.07
CA THR E 102 9.23 -26.33 -20.37
C THR E 102 9.85 -25.60 -21.57
N MET E 103 11.15 -25.30 -21.46
CA MET E 103 11.89 -24.58 -22.51
C MET E 103 13.31 -25.11 -22.65
N ARG E 104 13.62 -25.65 -23.82
CA ARG E 104 14.98 -26.07 -24.16
C ARG E 104 15.78 -24.86 -24.61
N ALA E 105 16.89 -24.59 -23.91
CA ALA E 105 17.79 -23.50 -24.26
C ALA E 105 18.70 -23.94 -25.41
N PHE E 106 18.15 -23.90 -26.62
CA PHE E 106 18.83 -24.38 -27.82
C PHE E 106 20.01 -23.49 -28.21
N LYS E 107 19.80 -22.17 -28.20
CA LYS E 107 20.86 -21.20 -28.46
C LYS E 107 21.95 -21.24 -27.37
N LEU E 108 21.55 -21.53 -26.13
CA LEU E 108 22.48 -21.58 -25.00
C LEU E 108 23.30 -22.88 -25.00
N GLY E 109 22.62 -24.01 -25.25
CA GLY E 109 23.29 -25.30 -25.35
C GLY E 109 24.30 -25.34 -26.48
N VAL E 110 23.92 -24.78 -27.62
CA VAL E 110 24.79 -24.68 -28.80
C VAL E 110 25.93 -23.65 -28.57
N ILE E 111 25.66 -22.61 -27.76
CA ILE E 111 26.71 -21.71 -27.24
C ILE E 111 27.85 -22.49 -26.56
N LEU E 112 27.50 -23.52 -25.80
CA LEU E 112 28.50 -24.40 -25.17
C LEU E 112 29.10 -25.31 -26.24
N PRO E 113 30.43 -25.25 -26.45
CA PRO E 113 31.06 -26.20 -27.37
C PRO E 113 31.19 -27.60 -26.78
N VAL E 114 31.65 -27.68 -25.54
CA VAL E 114 31.72 -28.94 -24.77
C VAL E 114 31.45 -28.66 -23.28
N THR E 115 31.05 -29.71 -22.57
CA THR E 115 30.76 -29.62 -21.13
C THR E 115 32.04 -29.45 -20.29
N LYS E 116 33.15 -30.01 -20.76
CA LYS E 116 34.45 -29.90 -20.07
C LYS E 116 35.02 -28.47 -20.06
N GLU E 117 34.61 -27.64 -21.02
CA GLU E 117 34.97 -26.21 -21.03
C GLU E 117 34.35 -25.48 -19.84
N PHE E 118 33.08 -25.79 -19.55
CA PHE E 118 32.36 -25.17 -18.42
C PHE E 118 32.59 -25.84 -17.07
N LEU E 119 33.39 -26.92 -17.04
CA LEU E 119 33.96 -27.43 -15.79
C LEU E 119 34.95 -26.44 -15.17
N ASN E 120 35.64 -25.68 -16.01
CA ASN E 120 36.52 -24.59 -15.55
C ASN E 120 35.73 -23.45 -14.93
N TYR E 121 34.57 -23.13 -15.50
CA TYR E 121 33.64 -22.15 -14.91
C TYR E 121 33.01 -22.65 -13.59
N THR E 122 32.85 -23.97 -13.46
CA THR E 122 32.28 -24.63 -12.27
C THR E 122 30.75 -24.50 -12.22
N TYR E 123 30.14 -25.18 -11.25
CA TYR E 123 28.68 -25.20 -11.10
C TYR E 123 28.06 -23.83 -10.82
N SER E 124 28.76 -23.00 -10.05
CA SER E 124 28.24 -21.69 -9.63
C SER E 124 28.12 -20.70 -10.79
N GLN E 125 29.24 -20.45 -11.47
CA GLN E 125 29.27 -19.47 -12.58
C GLN E 125 28.56 -19.96 -13.85
N PHE E 126 28.30 -21.26 -13.95
CA PHE E 126 27.51 -21.84 -15.05
C PHE E 126 26.14 -21.18 -15.16
N PHE E 127 25.42 -21.09 -14.05
CA PHE E 127 24.08 -20.49 -14.01
C PHE E 127 24.08 -18.95 -14.04
N GLU E 128 25.18 -18.31 -13.65
CA GLU E 128 25.30 -16.84 -13.71
C GLU E 128 25.42 -16.34 -15.15
N GLU E 129 26.09 -17.11 -16.01
CA GLU E 129 26.10 -16.85 -17.44
C GLU E 129 24.74 -17.10 -18.09
N MET E 130 24.04 -18.12 -17.59
CA MET E 130 22.67 -18.43 -18.05
C MET E 130 21.59 -17.50 -17.49
N LYS E 131 21.89 -16.83 -16.38
CA LYS E 131 20.93 -16.00 -15.63
C LYS E 131 20.08 -15.03 -16.48
N PRO E 132 20.69 -14.28 -17.42
CA PRO E 132 19.93 -13.34 -18.24
C PRO E 132 19.59 -13.87 -19.65
N MET E 133 19.41 -15.19 -19.78
CA MET E 133 19.21 -15.84 -21.08
C MET E 133 18.07 -16.87 -21.08
N ILE E 134 18.13 -17.84 -20.16
CA ILE E 134 17.03 -18.80 -19.99
C ILE E 134 15.73 -18.14 -19.50
N ALA E 135 15.87 -17.10 -18.69
CA ALA E 135 14.73 -16.29 -18.24
C ALA E 135 14.05 -15.52 -19.38
N GLU E 136 14.84 -15.06 -20.35
CA GLU E 136 14.34 -14.38 -21.56
C GLU E 136 13.38 -15.28 -22.35
N ALA E 137 13.69 -16.58 -22.41
CA ALA E 137 12.84 -17.57 -23.07
C ALA E 137 11.51 -17.82 -22.33
N PHE E 138 11.57 -17.87 -21.00
CA PHE E 138 10.38 -18.21 -20.19
C PHE E 138 9.27 -17.15 -20.25
N TYR E 139 9.63 -15.88 -20.05
CA TYR E 139 8.63 -14.80 -20.01
C TYR E 139 7.98 -14.54 -21.38
N LYS E 140 8.71 -14.82 -22.46
CA LYS E 140 8.21 -14.60 -23.83
C LYS E 140 7.06 -15.57 -24.15
N LYS E 141 7.23 -16.83 -23.78
CA LYS E 141 6.16 -17.84 -23.90
C LYS E 141 5.02 -17.58 -22.92
N PHE E 142 5.37 -17.32 -21.66
CA PHE E 142 4.40 -17.20 -20.56
C PHE E 142 3.41 -16.04 -20.76
N ASP E 143 3.94 -14.88 -21.16
CA ASP E 143 3.11 -13.70 -21.41
C ASP E 143 2.27 -13.80 -22.69
N GLU E 144 2.81 -14.48 -23.71
CA GLU E 144 2.12 -14.66 -24.99
C GLU E 144 0.84 -15.47 -24.82
N ALA E 145 0.97 -16.65 -24.22
CA ALA E 145 -0.17 -17.55 -23.99
C ALA E 145 -1.03 -17.15 -22.79
N GLY E 146 -0.49 -16.33 -21.89
CA GLY E 146 -1.21 -15.90 -20.69
C GLY E 146 -2.30 -14.87 -20.94
N ILE E 147 -1.96 -13.83 -21.67
CA ILE E 147 -2.89 -12.72 -21.95
C ILE E 147 -3.68 -13.03 -23.22
N LEU E 148 -2.97 -13.35 -24.30
CA LEU E 148 -3.61 -13.74 -25.58
C LEU E 148 -3.75 -15.25 -25.70
N ASN E 149 -4.67 -15.69 -26.55
CA ASN E 149 -4.86 -17.11 -26.87
C ASN E 149 -4.25 -17.39 -28.26
N GLN E 150 -2.99 -17.00 -28.42
CA GLN E 150 -2.28 -17.11 -29.70
C GLN E 150 -1.23 -18.21 -29.64
N GLY E 151 -0.36 -18.14 -28.62
CA GLY E 151 0.61 -19.19 -28.34
C GLY E 151 -0.09 -20.45 -27.87
N ASN E 152 0.28 -21.60 -28.45
CA ASN E 152 -0.44 -22.86 -28.22
C ASN E 152 0.08 -23.61 -26.99
N ASN E 153 -0.25 -23.08 -25.81
CA ASN E 153 -0.10 -23.80 -24.55
C ASN E 153 -1.14 -23.29 -23.54
N PRO E 154 -2.44 -23.44 -23.87
CA PRO E 154 -3.50 -22.96 -22.97
C PRO E 154 -3.74 -23.90 -21.80
N PHE E 155 -4.49 -23.41 -20.81
CA PHE E 155 -4.88 -24.19 -19.63
C PHE E 155 -6.23 -23.65 -19.11
N GLY E 156 -6.27 -22.89 -18.02
CA GLY E 156 -7.43 -22.07 -17.69
C GLY E 156 -7.54 -20.97 -18.75
N LYS E 157 -8.77 -20.72 -19.21
CA LYS E 157 -9.00 -19.85 -20.37
C LYS E 157 -8.41 -18.45 -20.16
N SER E 158 -7.74 -17.95 -21.19
CA SER E 158 -6.94 -16.72 -21.09
C SER E 158 -7.79 -15.45 -21.08
N ILE E 159 -7.14 -14.30 -20.93
CA ILE E 159 -7.80 -12.99 -20.90
C ILE E 159 -8.57 -12.70 -22.20
N ALA E 160 -8.00 -13.07 -23.34
CA ALA E 160 -8.65 -12.92 -24.65
C ALA E 160 -9.97 -13.70 -24.75
N GLN E 161 -10.03 -14.88 -24.13
CA GLN E 161 -11.23 -15.71 -24.13
C GLN E 161 -12.32 -15.16 -23.19
N SER E 162 -11.92 -14.63 -22.04
CA SER E 162 -12.86 -14.03 -21.07
C SER E 162 -13.54 -12.75 -21.58
N ILE E 163 -12.92 -12.07 -22.53
CA ILE E 163 -13.52 -10.91 -23.21
C ILE E 163 -14.69 -11.34 -24.10
N GLU E 164 -14.57 -12.51 -24.73
CA GLU E 164 -15.64 -13.05 -25.59
C GLU E 164 -16.87 -13.53 -24.79
N LYS E 165 -16.66 -13.90 -23.53
CA LYS E 165 -17.76 -14.28 -22.64
C LYS E 165 -18.62 -13.07 -22.26
N THR E 166 -17.98 -12.09 -21.61
CA THR E 166 -18.63 -10.83 -21.24
C THR E 166 -18.09 -9.73 -22.16
N ASN E 167 -18.91 -9.33 -23.14
CA ASN E 167 -18.48 -8.44 -24.21
C ASN E 167 -18.28 -7.01 -23.71
N LYS E 168 -17.00 -6.61 -23.57
CA LYS E 168 -16.61 -5.23 -23.26
C LYS E 168 -15.82 -4.62 -24.42
N VAL E 169 -16.11 -5.07 -25.65
CA VAL E 169 -15.34 -4.71 -26.83
C VAL E 169 -15.87 -3.39 -27.42
N ILE E 170 -14.96 -2.58 -27.94
CA ILE E 170 -15.28 -1.28 -28.54
C ILE E 170 -14.71 -1.25 -29.97
N LYS E 171 -15.35 -0.48 -30.85
CA LYS E 171 -14.86 -0.28 -32.21
C LYS E 171 -13.57 0.55 -32.20
N GLY E 172 -12.69 0.27 -33.15
CA GLY E 172 -11.35 0.86 -33.19
C GLY E 172 -11.31 2.37 -33.30
N ASP E 173 -11.26 3.03 -32.15
CA ASP E 173 -11.13 4.50 -32.06
C ASP E 173 -10.19 4.88 -30.92
N PHE E 174 -9.41 5.95 -31.13
CA PHE E 174 -8.51 6.50 -30.12
C PHE E 174 -8.82 7.98 -29.89
N THR E 175 -9.61 8.24 -28.86
CA THR E 175 -10.02 9.60 -28.47
C THR E 175 -10.13 9.67 -26.94
N GLN E 176 -10.06 10.89 -26.40
CA GLN E 176 -10.20 11.13 -24.95
C GLN E 176 -11.50 10.57 -24.35
N ASP E 177 -12.58 10.61 -25.13
CA ASP E 177 -13.88 10.05 -24.71
C ASP E 177 -13.88 8.52 -24.64
N ASN E 178 -13.20 7.87 -25.57
CA ASN E 178 -13.17 6.40 -25.66
C ASN E 178 -12.41 5.73 -24.51
N ILE E 179 -11.36 6.38 -24.02
CA ILE E 179 -10.53 5.85 -22.93
C ILE E 179 -11.29 5.91 -21.59
N ILE E 180 -12.02 7.00 -21.36
CA ILE E 180 -12.86 7.15 -20.16
C ILE E 180 -14.09 6.23 -20.24
N ASP E 181 -14.64 6.08 -21.44
CA ASP E 181 -15.75 5.15 -21.69
C ASP E 181 -15.36 3.68 -21.48
N LEU E 182 -14.11 3.34 -21.80
CA LEU E 182 -13.57 1.99 -21.58
C LEU E 182 -13.52 1.64 -20.09
N GLU E 183 -13.02 2.57 -19.27
CA GLU E 183 -12.99 2.41 -17.82
C GLU E 183 -14.39 2.42 -17.19
N ALA E 184 -15.31 3.16 -17.81
CA ALA E 184 -16.72 3.20 -17.37
C ALA E 184 -17.46 1.87 -17.61
N LEU E 185 -17.12 1.19 -18.71
CA LEU E 185 -17.72 -0.11 -19.03
C LEU E 185 -17.38 -1.18 -18.00
N LEU E 186 -16.09 -1.31 -17.69
CA LEU E 186 -15.62 -2.28 -16.70
C LEU E 186 -15.96 -1.90 -15.24
N GLU E 187 -16.17 -0.60 -14.99
CA GLU E 187 -16.57 -0.12 -13.65
C GLU E 187 -17.98 -0.59 -13.25
N ASP E 188 -18.87 -0.71 -14.23
CA ASP E 188 -20.26 -1.18 -14.01
C ASP E 188 -20.32 -2.50 -13.23
N ASP E 189 -19.40 -3.41 -13.53
CA ASP E 189 -19.26 -4.68 -12.81
C ASP E 189 -18.04 -4.67 -11.88
N GLU E 190 -18.32 -4.61 -10.57
CA GLU E 190 -17.31 -4.72 -9.51
C GLU E 190 -16.29 -3.55 -9.42
N LEU E 191 -15.11 -3.69 -10.02
CA LEU E 191 -13.93 -2.89 -9.66
C LEU E 191 -13.47 -1.92 -10.75
N GLU E 192 -12.80 -0.85 -10.31
CA GLU E 192 -12.22 0.16 -11.21
C GLU E 192 -10.93 -0.37 -11.84
N ALA E 193 -10.56 0.22 -12.98
CA ALA E 193 -9.35 -0.14 -13.73
C ALA E 193 -8.06 -0.02 -12.90
N ASN E 194 -7.10 -0.91 -13.17
CA ASN E 194 -5.81 -0.96 -12.49
C ASN E 194 -4.69 -0.41 -13.38
N ALA E 195 -4.53 -1.00 -14.56
CA ALA E 195 -3.45 -0.63 -15.48
C ALA E 195 -3.71 -1.11 -16.91
N PHE E 196 -3.22 -0.35 -17.89
CA PHE E 196 -3.39 -0.68 -19.31
C PHE E 196 -2.29 -1.61 -19.81
N ILE E 197 -2.62 -2.39 -20.84
CA ILE E 197 -1.66 -3.26 -21.54
C ILE E 197 -1.85 -3.07 -23.06
N SER E 198 -1.02 -2.21 -23.65
CA SER E 198 -1.04 -1.92 -25.08
C SER E 198 0.36 -2.14 -25.68
N LYS E 199 0.40 -2.28 -27.00
CA LYS E 199 1.67 -2.58 -27.70
C LYS E 199 2.67 -1.42 -27.67
N THR E 200 3.96 -1.78 -27.79
CA THR E 200 5.03 -0.82 -27.98
C THR E 200 4.92 -0.23 -29.38
N GLN E 201 4.67 -1.08 -30.36
CA GLN E 201 4.41 -0.66 -31.76
C GLN E 201 3.32 0.41 -31.88
N ASN E 202 2.26 0.27 -31.08
CA ASN E 202 1.12 1.19 -31.11
C ASN E 202 1.30 2.32 -30.08
N ARG E 203 2.32 3.16 -30.34
CA ARG E 203 2.63 4.33 -29.50
C ARG E 203 2.44 5.68 -30.22
N SER E 204 2.26 5.65 -31.54
CA SER E 204 2.06 6.88 -32.33
C SER E 204 0.65 7.46 -32.15
N LEU E 205 -0.34 6.59 -31.93
CA LEU E 205 -1.72 7.02 -31.66
C LEU E 205 -1.85 7.78 -30.33
N LEU E 206 -1.04 7.39 -29.34
CA LEU E 206 -1.01 8.06 -28.03
C LEU E 206 -0.46 9.49 -28.12
N ARG E 207 0.50 9.72 -29.03
CA ARG E 207 1.12 11.02 -29.22
C ARG E 207 0.18 12.05 -29.85
N LYS E 208 -0.49 11.63 -30.93
CA LYS E 208 -1.32 12.54 -31.75
C LYS E 208 -2.63 13.03 -31.10
N ILE E 209 -3.07 12.40 -30.00
CA ILE E 209 -4.31 12.82 -29.32
C ILE E 209 -4.14 14.16 -28.61
N VAL E 210 -4.69 15.22 -29.22
CA VAL E 210 -4.77 16.55 -28.62
C VAL E 210 -6.17 17.11 -28.90
N ASP E 211 -6.98 17.25 -27.85
CA ASP E 211 -8.38 17.68 -28.00
C ASP E 211 -8.47 19.20 -28.23
N PRO E 212 -9.48 19.65 -29.02
CA PRO E 212 -9.62 21.09 -29.31
C PRO E 212 -10.19 21.92 -28.15
N GLU E 213 -11.16 21.36 -27.42
CA GLU E 213 -11.81 22.07 -26.31
C GLU E 213 -10.88 22.18 -25.10
N THR E 214 -10.31 21.05 -24.70
CA THR E 214 -9.34 20.98 -23.59
C THR E 214 -7.96 20.62 -24.15
N LYS E 215 -7.17 21.66 -24.44
CA LYS E 215 -5.88 21.49 -25.12
C LYS E 215 -4.83 20.84 -24.23
N GLU E 216 -4.71 19.52 -24.34
CA GLU E 216 -3.69 18.74 -23.62
C GLU E 216 -3.45 17.37 -24.24
N ARG E 217 -2.30 16.80 -23.93
CA ARG E 217 -1.98 15.41 -24.27
C ARG E 217 -2.28 14.52 -23.06
N ILE E 218 -2.80 13.33 -23.31
CA ILE E 218 -3.27 12.43 -22.25
C ILE E 218 -2.11 11.54 -21.82
N TYR E 219 -1.50 10.85 -22.78
CA TYR E 219 -0.37 9.95 -22.53
C TYR E 219 0.91 10.74 -22.25
N ASP E 220 1.60 10.40 -21.17
CA ASP E 220 2.84 11.06 -20.77
C ASP E 220 4.01 10.53 -21.60
N ARG E 221 4.95 11.43 -21.94
CA ARG E 221 6.13 11.08 -22.74
C ARG E 221 7.30 10.65 -21.86
N ASN E 222 7.54 11.39 -20.77
CA ASN E 222 8.61 11.07 -19.82
C ASN E 222 8.28 9.79 -19.04
N SER E 223 7.20 9.84 -18.26
CA SER E 223 6.69 8.66 -17.55
C SER E 223 5.83 7.83 -18.49
N ASP E 224 5.45 6.64 -18.04
CA ASP E 224 4.61 5.72 -18.82
C ASP E 224 3.25 5.56 -18.13
N SER E 225 2.26 6.29 -18.63
CA SER E 225 0.89 6.23 -18.10
C SER E 225 -0.10 6.82 -19.12
N LEU E 226 -1.24 6.15 -19.30
CA LEU E 226 -2.23 6.55 -20.32
C LEU E 226 -3.07 7.71 -19.81
N ASP E 227 -3.79 7.51 -18.71
CA ASP E 227 -4.62 8.54 -18.08
C ASP E 227 -4.40 8.46 -16.56
N GLY E 228 -3.13 8.46 -16.17
CA GLY E 228 -2.72 8.24 -14.77
C GLY E 228 -2.33 6.79 -14.50
N LEU E 229 -3.09 5.85 -15.07
CA LEU E 229 -2.87 4.42 -14.85
C LEU E 229 -1.60 3.98 -15.58
N PRO E 230 -0.65 3.34 -14.86
CA PRO E 230 0.66 3.01 -15.46
C PRO E 230 0.59 1.88 -16.50
N VAL E 231 1.14 2.13 -17.68
CA VAL E 231 1.08 1.19 -18.80
C VAL E 231 2.41 0.45 -18.95
N VAL E 232 2.32 -0.83 -19.32
CA VAL E 232 3.49 -1.65 -19.68
C VAL E 232 3.12 -2.57 -20.84
N ASN E 233 4.12 -3.21 -21.44
CA ASN E 233 3.91 -4.04 -22.64
C ASN E 233 4.67 -5.38 -22.60
N LEU E 234 4.00 -6.42 -23.09
CA LEU E 234 4.53 -7.79 -23.12
C LEU E 234 5.49 -8.02 -24.30
N LYS E 235 5.24 -7.32 -25.41
CA LYS E 235 6.06 -7.37 -26.63
C LYS E 235 5.89 -8.70 -27.38
N SER E 236 4.64 -9.10 -27.55
CA SER E 236 4.28 -10.31 -28.30
C SER E 236 3.81 -9.91 -29.70
N SER E 237 4.37 -10.55 -30.73
CA SER E 237 4.05 -10.24 -32.12
C SER E 237 2.69 -10.82 -32.52
N ASN E 238 1.62 -10.17 -32.05
CA ASN E 238 0.24 -10.64 -32.22
C ASN E 238 -0.77 -9.48 -32.31
N LEU E 239 -0.79 -8.64 -31.27
CA LEU E 239 -1.71 -7.50 -31.18
C LEU E 239 -1.48 -6.43 -32.25
N LYS E 240 -2.43 -5.50 -32.35
CA LYS E 240 -2.34 -4.37 -33.28
C LYS E 240 -2.74 -3.05 -32.61
N ARG E 241 -3.98 -2.98 -32.13
CA ARG E 241 -4.54 -1.76 -31.52
C ARG E 241 -5.14 -2.08 -30.13
N GLY E 242 -4.44 -2.92 -29.37
CA GLY E 242 -4.97 -3.47 -28.12
C GLY E 242 -4.94 -2.53 -26.92
N GLU E 243 -5.93 -2.67 -26.05
CA GLU E 243 -6.01 -1.91 -24.79
C GLU E 243 -6.68 -2.76 -23.71
N LEU E 244 -5.88 -3.56 -23.01
CA LEU E 244 -6.38 -4.55 -22.04
C LEU E 244 -6.14 -4.12 -20.59
N ILE E 245 -7.14 -4.36 -19.73
CA ILE E 245 -7.09 -3.99 -18.31
C ILE E 245 -7.69 -5.11 -17.44
N THR E 246 -6.97 -5.52 -16.38
CA THR E 246 -7.41 -6.60 -15.50
C THR E 246 -7.43 -6.18 -14.01
N GLY E 247 -6.25 -6.04 -13.40
CA GLY E 247 -6.12 -5.73 -11.97
C GLY E 247 -6.09 -6.95 -11.08
N ASP E 248 -7.22 -7.65 -10.99
CA ASP E 248 -7.35 -8.87 -10.19
C ASP E 248 -6.86 -10.07 -11.00
N PHE E 249 -5.71 -10.63 -10.62
CA PHE E 249 -5.09 -11.73 -11.37
C PHE E 249 -4.13 -12.57 -10.51
N ASP E 250 -4.05 -13.87 -10.82
CA ASP E 250 -3.20 -14.83 -10.10
C ASP E 250 -2.05 -15.32 -10.98
N LYS E 251 -0.82 -15.05 -10.54
CA LYS E 251 0.39 -15.64 -11.10
C LYS E 251 0.97 -16.63 -10.09
N LEU E 252 1.62 -17.68 -10.60
CA LEU E 252 2.29 -18.67 -9.75
C LEU E 252 3.70 -18.97 -10.28
N ILE E 253 4.67 -18.98 -9.36
CA ILE E 253 6.01 -19.49 -9.62
C ILE E 253 6.39 -20.33 -8.41
N TYR E 254 6.66 -21.61 -8.63
CA TYR E 254 6.97 -22.55 -7.55
C TYR E 254 7.88 -23.68 -8.04
N GLY E 255 8.67 -24.23 -7.12
CA GLY E 255 9.53 -25.37 -7.41
C GLY E 255 10.87 -24.96 -7.98
N ILE E 256 11.50 -25.90 -8.69
CA ILE E 256 12.85 -25.72 -9.23
C ILE E 256 12.77 -25.83 -10.77
N PRO E 257 13.61 -25.03 -11.50
CA PRO E 257 13.67 -25.18 -12.97
C PRO E 257 14.08 -26.57 -13.46
N GLN E 258 15.08 -27.16 -12.81
CA GLN E 258 15.51 -28.54 -13.03
C GLN E 258 16.22 -28.70 -14.39
N LEU E 259 17.54 -28.64 -14.35
CA LEU E 259 18.37 -28.68 -15.56
C LEU E 259 18.71 -30.12 -15.95
N ILE E 260 18.58 -30.42 -17.24
CA ILE E 260 19.11 -31.66 -17.84
C ILE E 260 19.82 -31.30 -19.14
N GLU E 261 20.99 -31.88 -19.36
CA GLU E 261 21.75 -31.68 -20.60
C GLU E 261 21.54 -32.90 -21.52
N TYR E 262 21.41 -32.64 -22.81
CA TYR E 262 21.13 -33.68 -23.82
C TYR E 262 21.94 -33.49 -25.09
N LYS E 263 22.00 -34.56 -25.89
CA LYS E 263 22.59 -34.50 -27.23
C LYS E 263 22.14 -35.72 -28.07
N ILE E 264 20.92 -35.65 -28.60
CA ILE E 264 20.32 -36.75 -29.37
C ILE E 264 19.43 -36.27 -30.53
N ASP E 265 18.28 -35.68 -30.23
CA ASP E 265 17.34 -35.23 -31.27
C ASP E 265 16.33 -34.23 -30.71
N GLU E 266 15.95 -33.24 -31.54
CA GLU E 266 14.98 -32.21 -31.16
C GLU E 266 13.91 -32.08 -32.25
N THR E 267 12.68 -32.45 -31.91
CA THR E 267 11.53 -32.34 -32.82
C THR E 267 10.96 -30.92 -32.85
N ALA E 268 10.84 -30.30 -31.68
CA ALA E 268 10.29 -28.94 -31.53
C ALA E 268 11.31 -27.80 -31.67
N GLN E 269 12.40 -28.02 -32.41
CA GLN E 269 13.32 -26.95 -32.86
C GLN E 269 13.58 -27.10 -34.36
N LEU E 270 13.99 -26.00 -34.99
CA LEU E 270 14.29 -25.98 -36.44
C LEU E 270 15.64 -25.31 -36.67
N SER E 271 16.57 -26.05 -37.29
CA SER E 271 17.95 -25.59 -37.49
C SER E 271 18.16 -25.04 -38.90
N THR E 272 18.82 -23.88 -38.98
CA THR E 272 19.27 -23.27 -40.24
C THR E 272 18.12 -22.84 -41.17
N VAL E 273 17.51 -23.79 -41.88
CA VAL E 273 16.45 -23.50 -42.87
C VAL E 273 15.41 -24.63 -42.92
N LYS E 274 15.84 -25.82 -43.35
CA LYS E 274 14.93 -26.93 -43.65
C LYS E 274 14.93 -28.02 -42.57
N ASN E 275 16.11 -28.52 -42.22
CA ASN E 275 16.25 -29.67 -41.31
C ASN E 275 15.85 -29.33 -39.87
N GLU E 276 15.41 -30.36 -39.14
CA GLU E 276 15.04 -30.20 -37.72
C GLU E 276 16.30 -30.10 -36.86
N ASP E 277 16.85 -31.23 -36.41
CA ASP E 277 18.12 -31.24 -35.65
C ASP E 277 18.70 -32.66 -35.54
N GLY E 278 19.82 -32.89 -36.23
CA GLY E 278 20.58 -34.14 -36.13
C GLY E 278 21.78 -33.91 -35.22
N THR E 279 21.61 -34.24 -33.94
CA THR E 279 22.59 -33.86 -32.90
C THR E 279 23.93 -34.62 -32.95
N PRO E 280 23.94 -35.92 -33.34
CA PRO E 280 25.22 -36.58 -33.60
C PRO E 280 26.03 -35.97 -34.76
N VAL E 281 25.33 -35.52 -35.81
CA VAL E 281 25.98 -34.89 -36.97
C VAL E 281 26.35 -33.45 -36.61
N ASN E 282 25.35 -32.66 -36.22
CA ASN E 282 25.56 -31.30 -35.74
C ASN E 282 25.90 -31.36 -34.24
N LEU E 283 27.18 -31.56 -33.95
CA LEU E 283 27.64 -31.86 -32.59
C LEU E 283 27.52 -30.65 -31.66
N PHE E 284 26.35 -30.54 -31.01
CA PHE E 284 26.06 -29.48 -30.06
C PHE E 284 25.31 -30.03 -28.86
N GLU E 285 25.37 -29.30 -27.75
CA GLU E 285 24.65 -29.65 -26.51
C GLU E 285 23.30 -28.92 -26.46
N GLN E 286 22.40 -29.39 -25.59
CA GLN E 286 21.09 -28.76 -25.38
C GLN E 286 20.68 -28.86 -23.91
N ASP E 287 20.24 -27.74 -23.33
CA ASP E 287 19.82 -27.67 -21.92
C ASP E 287 18.29 -27.67 -21.78
N MET E 288 17.73 -28.82 -21.41
CA MET E 288 16.29 -28.95 -21.17
C MET E 288 15.98 -28.50 -19.74
N VAL E 289 15.10 -27.50 -19.61
CA VAL E 289 14.72 -26.92 -18.32
C VAL E 289 13.20 -26.83 -18.20
N ALA E 290 12.62 -27.58 -17.26
CA ALA E 290 11.17 -27.67 -17.08
C ALA E 290 10.70 -26.91 -15.84
N LEU E 291 10.42 -25.62 -16.00
CA LEU E 291 9.90 -24.77 -14.93
C LEU E 291 8.40 -25.03 -14.72
N ARG E 292 7.89 -24.66 -13.55
CA ARG E 292 6.46 -24.82 -13.23
C ARG E 292 5.82 -23.46 -12.95
N ALA E 293 4.92 -23.05 -13.84
CA ALA E 293 4.18 -21.79 -13.71
C ALA E 293 2.69 -22.03 -14.00
N THR E 294 1.83 -21.29 -13.31
CA THR E 294 0.37 -21.48 -13.37
C THR E 294 -0.36 -20.14 -13.29
N MET E 295 -1.54 -20.06 -13.90
CA MET E 295 -2.30 -18.81 -14.02
C MET E 295 -3.78 -18.98 -13.73
N HIS E 296 -4.46 -17.84 -13.55
CA HIS E 296 -5.92 -17.78 -13.54
C HIS E 296 -6.40 -16.37 -13.88
N VAL E 297 -7.55 -16.29 -14.58
CA VAL E 297 -8.07 -15.04 -15.13
C VAL E 297 -9.40 -14.66 -14.49
N ALA E 298 -9.61 -13.36 -14.30
CA ALA E 298 -10.88 -12.81 -13.82
C ALA E 298 -11.91 -12.74 -14.95
N LEU E 299 -13.16 -12.43 -14.60
CA LEU E 299 -14.27 -12.50 -15.55
C LEU E 299 -14.33 -11.27 -16.47
N HIS E 300 -14.34 -10.08 -15.87
CA HIS E 300 -14.56 -8.82 -16.60
C HIS E 300 -13.26 -8.14 -17.03
N ILE E 301 -12.99 -8.17 -18.33
CA ILE E 301 -11.79 -7.54 -18.93
C ILE E 301 -12.22 -6.73 -20.15
N ALA E 302 -11.62 -5.54 -20.32
CA ALA E 302 -11.89 -4.65 -21.46
C ALA E 302 -10.92 -4.89 -22.62
N ASP E 303 -11.32 -4.44 -23.81
CA ASP E 303 -10.51 -4.61 -25.03
C ASP E 303 -10.95 -3.65 -26.13
N ASP E 304 -10.02 -3.27 -26.99
CA ASP E 304 -10.29 -2.42 -28.17
C ASP E 304 -9.46 -2.93 -29.36
N LYS E 305 -10.00 -2.82 -30.57
CA LYS E 305 -9.30 -3.25 -31.79
C LYS E 305 -9.90 -2.63 -33.06
N ALA E 306 -9.04 -2.46 -34.08
CA ALA E 306 -9.46 -1.88 -35.36
C ALA E 306 -10.27 -2.86 -36.21
N PHE E 307 -10.90 -2.33 -37.26
CA PHE E 307 -11.68 -3.13 -38.21
C PHE E 307 -11.83 -2.44 -39.57
N ALA E 308 -12.46 -1.26 -39.56
CA ALA E 308 -12.70 -0.44 -40.77
C ALA E 308 -13.54 -1.13 -41.84
N LYS E 309 -12.96 -2.09 -42.56
CA LYS E 309 -13.68 -2.83 -43.61
C LYS E 309 -12.95 -4.12 -43.98
N GLN F 40 15.97 -39.89 17.18
CA GLN F 40 14.57 -40.01 16.70
C GLN F 40 13.75 -38.76 17.05
N GLU F 41 13.65 -38.48 18.35
CA GLU F 41 12.92 -37.31 18.85
C GLU F 41 13.70 -36.00 18.64
N ILE F 42 15.02 -36.06 18.82
CA ILE F 42 15.90 -34.90 18.59
C ILE F 42 16.03 -34.63 17.09
N SER F 43 16.16 -35.69 16.29
CA SER F 43 16.26 -35.58 14.83
C SER F 43 14.99 -35.07 14.16
N SER F 44 13.82 -35.37 14.74
CA SER F 44 12.53 -34.89 14.21
C SER F 44 12.37 -33.37 14.36
N GLU F 45 12.81 -32.83 15.49
CA GLU F 45 12.77 -31.37 15.74
C GLU F 45 13.73 -30.59 14.82
N LEU F 46 14.86 -31.19 14.48
CA LEU F 46 15.80 -30.62 13.50
C LEU F 46 15.19 -30.54 12.09
N GLN F 47 14.42 -31.56 11.72
CA GLN F 47 13.71 -31.58 10.43
C GLN F 47 12.58 -30.54 10.33
N GLN F 48 11.96 -30.20 11.46
CA GLN F 48 10.96 -29.13 11.51
C GLN F 48 11.57 -27.75 11.22
N SER F 49 12.74 -27.49 11.78
CA SER F 49 13.46 -26.22 11.57
C SER F 49 14.04 -26.09 10.16
N GLU F 50 14.53 -27.19 9.59
CA GLU F 50 15.12 -27.20 8.24
C GLU F 50 14.09 -26.91 7.14
N GLN F 51 12.98 -27.65 7.16
CA GLN F 51 11.92 -27.49 6.14
C GLN F 51 11.20 -26.15 6.20
N SER F 52 11.06 -25.59 7.42
CA SER F 52 10.43 -24.29 7.62
C SER F 52 11.28 -23.15 7.05
N LYS F 53 12.58 -23.18 7.36
CA LYS F 53 13.53 -22.18 6.84
C LYS F 53 13.70 -22.23 5.32
N GLN F 54 13.57 -23.42 4.73
CA GLN F 54 13.59 -23.58 3.26
C GLN F 54 12.41 -22.88 2.60
N LYS F 55 11.21 -23.11 3.13
CA LYS F 55 9.98 -22.49 2.61
C LYS F 55 9.83 -21.01 2.96
N GLN F 56 10.59 -20.53 3.96
CA GLN F 56 10.63 -19.09 4.30
C GLN F 56 11.25 -18.24 3.18
N TYR F 57 12.26 -18.78 2.49
CA TYR F 57 12.87 -18.09 1.33
C TYR F 57 11.92 -17.97 0.14
N GLY F 58 10.97 -18.91 0.01
CA GLY F 58 9.91 -18.83 -0.99
C GLY F 58 8.93 -17.69 -0.77
N THR F 59 8.63 -17.38 0.49
CA THR F 59 7.74 -16.25 0.84
C THR F 59 8.41 -14.89 0.64
N THR F 60 9.72 -14.82 0.85
CA THR F 60 10.49 -13.58 0.61
C THR F 60 10.59 -13.25 -0.89
N LEU F 61 10.60 -14.27 -1.74
CA LEU F 61 10.55 -14.10 -3.20
C LEU F 61 9.28 -13.38 -3.64
N GLN F 62 8.15 -13.74 -3.02
CA GLN F 62 6.86 -13.11 -3.30
C GLN F 62 6.78 -11.70 -2.72
N ASN F 63 7.43 -11.47 -1.58
CA ASN F 63 7.58 -10.13 -1.01
C ASN F 63 8.52 -9.26 -1.86
N LEU F 64 9.52 -9.88 -2.49
CA LEU F 64 10.39 -9.23 -3.48
C LEU F 64 9.58 -8.83 -4.72
N ALA F 65 8.67 -9.70 -5.14
CA ALA F 65 7.78 -9.44 -6.29
C ALA F 65 6.87 -8.22 -6.08
N LYS F 66 6.37 -8.04 -4.86
CA LYS F 66 5.55 -6.88 -4.50
C LYS F 66 6.33 -5.56 -4.58
N GLN F 67 7.61 -5.59 -4.21
CA GLN F 67 8.50 -4.43 -4.33
C GLN F 67 8.82 -4.08 -5.78
N ASN F 68 8.95 -5.10 -6.63
CA ASN F 68 9.28 -4.92 -8.05
C ASN F 68 8.14 -4.33 -8.87
N ARG F 69 6.91 -4.80 -8.61
CA ARG F 69 5.75 -4.43 -9.44
C ARG F 69 5.31 -2.96 -9.28
N ILE F 70 4.51 -2.51 -10.25
CA ILE F 70 4.15 -1.08 -10.37
C ILE F 70 3.12 -0.59 -9.35
N ILE F 71 2.10 -1.40 -9.05
CA ILE F 71 1.10 -1.08 -8.01
C ILE F 71 1.36 -1.95 -6.78
N LYS F 72 1.23 -1.34 -5.59
CA LYS F 72 1.48 -2.03 -4.32
C LYS F 72 0.30 -1.86 -3.37
N PRO G 26 60.19 -10.56 -16.21
CA PRO G 26 59.76 -9.92 -14.98
C PRO G 26 60.15 -8.42 -14.88
N ASP G 27 60.01 -7.71 -15.99
CA ASP G 27 60.38 -6.29 -16.07
C ASP G 27 59.28 -5.39 -15.51
N ASN G 28 59.67 -4.24 -14.99
CA ASN G 28 58.73 -3.22 -14.51
C ASN G 28 59.26 -1.80 -14.76
N VAL G 29 60.37 -1.45 -14.10
CA VAL G 29 61.03 -0.15 -14.25
C VAL G 29 62.35 -0.40 -15.00
N MET G 30 63.44 -0.62 -14.27
CA MET G 30 64.76 -0.99 -14.83
C MET G 30 65.27 -0.10 -15.98
N MET G 31 64.82 -0.37 -17.21
CA MET G 31 65.38 0.25 -18.42
C MET G 31 64.41 0.19 -19.61
N HIS G 32 64.82 0.76 -20.74
CA HIS G 32 64.07 0.64 -21.99
C HIS G 32 64.92 0.89 -23.24
N GLU G 33 65.53 -0.18 -23.73
CA GLU G 33 66.04 -0.26 -25.11
C GLU G 33 65.36 -1.40 -25.89
N LYS G 34 64.26 -1.93 -25.33
CA LYS G 34 63.51 -3.02 -25.95
C LYS G 34 62.62 -2.43 -27.05
N LYS G 35 62.99 -2.68 -28.30
CA LYS G 35 62.25 -2.17 -29.46
C LYS G 35 60.91 -2.90 -29.62
N ASP G 36 60.93 -4.22 -29.41
CA ASP G 36 59.71 -5.01 -29.27
C ASP G 36 59.14 -4.77 -27.87
N GLY G 37 57.82 -4.83 -27.75
CA GLY G 37 57.16 -4.59 -26.46
C GLY G 37 55.72 -5.07 -26.43
N THR G 38 55.53 -6.35 -26.13
CA THR G 38 54.20 -6.91 -25.86
C THR G 38 53.78 -6.43 -24.47
N LEU G 39 52.71 -5.62 -24.41
CA LEU G 39 52.32 -4.95 -23.17
C LEU G 39 51.81 -5.93 -22.11
N MET G 40 52.13 -5.63 -20.85
CA MET G 40 51.65 -6.41 -19.71
C MET G 40 50.23 -5.95 -19.37
N ASN G 41 49.44 -6.86 -18.80
CA ASN G 41 48.06 -6.55 -18.36
C ASN G 41 47.97 -5.42 -17.32
N GLU G 42 49.06 -5.18 -16.58
CA GLU G 42 49.17 -4.02 -15.68
C GLU G 42 49.15 -2.69 -16.45
N PHE G 43 49.92 -2.62 -17.53
CA PHE G 43 49.99 -1.42 -18.37
C PHE G 43 48.94 -1.36 -19.48
N THR G 44 48.22 -2.46 -19.70
CA THR G 44 47.12 -2.51 -20.67
C THR G 44 45.85 -1.81 -20.15
N THR G 45 45.55 -1.95 -18.86
CA THR G 45 44.29 -1.39 -18.30
C THR G 45 44.16 0.15 -18.28
N PRO G 46 45.26 0.90 -18.08
CA PRO G 46 45.11 2.37 -18.20
C PRO G 46 44.96 2.89 -19.63
N ILE G 47 45.73 2.33 -20.58
CA ILE G 47 45.71 2.81 -21.96
C ILE G 47 44.42 2.44 -22.71
N LEU G 48 43.81 1.31 -22.36
CA LEU G 48 42.55 0.89 -22.99
C LEU G 48 41.32 1.71 -22.55
N GLN G 49 41.26 2.08 -21.28
CA GLN G 49 40.11 2.87 -20.76
C GLN G 49 40.01 4.28 -21.35
N GLU G 50 41.14 4.87 -21.74
CA GLU G 50 41.14 6.15 -22.46
C GLU G 50 40.69 6.00 -23.91
N VAL G 51 41.08 4.89 -24.55
CA VAL G 51 40.58 4.53 -25.89
C VAL G 51 39.07 4.33 -25.85
N MET G 52 38.59 3.65 -24.81
CA MET G 52 37.17 3.32 -24.68
C MET G 52 36.28 4.52 -24.37
N GLU G 53 36.56 5.22 -23.27
CA GLU G 53 35.69 6.29 -22.77
C GLU G 53 35.56 7.51 -23.70
N ASN G 54 36.58 7.76 -24.52
CA ASN G 54 36.51 8.83 -25.53
C ASN G 54 35.62 8.47 -26.72
N SER G 55 35.58 7.18 -27.07
CA SER G 55 34.83 6.71 -28.25
C SER G 55 33.32 6.78 -28.08
N LYS G 56 32.63 6.84 -29.23
CA LYS G 56 31.19 7.03 -29.30
C LYS G 56 30.47 5.68 -29.42
N ILE G 57 30.97 4.83 -30.31
CA ILE G 57 30.44 3.47 -30.49
C ILE G 57 30.64 2.60 -29.23
N MET G 58 31.73 2.84 -28.51
CA MET G 58 32.02 2.14 -27.25
C MET G 58 30.92 2.37 -26.20
N GLN G 59 30.57 3.64 -25.99
CA GLN G 59 29.58 4.03 -24.98
C GLN G 59 28.14 3.59 -25.30
N LEU G 60 27.90 3.20 -26.56
CA LEU G 60 26.64 2.57 -26.96
C LEU G 60 26.62 1.08 -26.63
N GLY G 61 27.61 0.35 -27.12
CA GLY G 61 27.57 -1.12 -27.17
C GLY G 61 28.01 -1.88 -25.94
N LYS G 62 27.36 -3.03 -25.71
CA LYS G 62 27.72 -3.96 -24.62
C LYS G 62 28.88 -4.85 -25.06
N TYR G 63 29.46 -5.58 -24.10
CA TYR G 63 30.70 -6.34 -24.31
C TYR G 63 30.60 -7.82 -23.89
N GLU G 64 31.51 -8.61 -24.46
CA GLU G 64 31.68 -10.01 -24.09
C GLU G 64 33.05 -10.53 -24.58
N PRO G 65 33.74 -11.38 -23.78
CA PRO G 65 35.09 -11.79 -24.13
C PRO G 65 35.14 -13.12 -24.90
N MET G 66 35.56 -13.05 -26.17
CA MET G 66 35.80 -14.24 -27.00
C MET G 66 37.02 -14.05 -27.89
N GLU G 67 37.58 -15.18 -28.34
CA GLU G 67 38.86 -15.20 -29.07
C GLU G 67 38.75 -14.62 -30.49
N GLY G 68 39.90 -14.49 -31.16
CA GLY G 68 40.00 -13.98 -32.54
C GLY G 68 39.01 -14.58 -33.53
N THR G 69 38.69 -15.85 -33.34
CA THR G 69 37.54 -16.50 -33.99
C THR G 69 36.50 -16.84 -32.92
N GLU G 70 35.23 -16.67 -33.25
CA GLU G 70 34.13 -16.80 -32.29
C GLU G 70 32.97 -17.63 -32.85
N LYS G 71 32.30 -18.34 -31.94
CA LYS G 71 31.01 -18.99 -32.22
C LYS G 71 30.01 -18.54 -31.17
N LYS G 72 29.14 -17.60 -31.55
CA LYS G 72 27.99 -17.19 -30.73
C LYS G 72 26.70 -17.38 -31.49
N PHE G 73 25.63 -17.67 -30.75
CA PHE G 73 24.33 -18.06 -31.33
C PHE G 73 23.22 -17.25 -30.70
N THR G 74 22.18 -16.97 -31.50
CA THR G 74 21.20 -15.93 -31.19
C THR G 74 19.76 -16.48 -31.21
N PHE G 75 18.79 -15.57 -31.21
CA PHE G 75 17.35 -15.89 -31.32
C PHE G 75 16.73 -16.53 -30.08
N TRP G 76 15.40 -16.44 -30.02
CA TRP G 76 14.60 -16.87 -28.85
C TRP G 76 13.95 -18.23 -29.12
N ALA G 77 13.36 -18.81 -28.07
CA ALA G 77 12.69 -20.10 -28.16
C ALA G 77 11.30 -20.03 -27.53
N ASP G 78 10.41 -20.91 -28.02
CA ASP G 78 9.04 -21.02 -27.52
C ASP G 78 8.63 -22.50 -27.55
N LYS G 79 8.20 -23.02 -26.40
CA LYS G 79 7.85 -24.45 -26.27
C LYS G 79 6.86 -24.66 -25.12
N PRO G 80 5.88 -25.57 -25.31
CA PRO G 80 4.96 -25.94 -24.22
C PRO G 80 5.52 -27.04 -23.31
N GLY G 81 4.94 -27.17 -22.12
CA GLY G 81 5.31 -28.22 -21.17
C GLY G 81 4.56 -29.50 -21.44
N ALA G 82 5.06 -30.27 -22.39
CA ALA G 82 4.50 -31.57 -22.79
C ALA G 82 3.05 -31.46 -23.33
N TYR G 83 2.91 -30.81 -24.48
CA TYR G 83 1.62 -30.66 -25.16
C TYR G 83 1.84 -30.31 -26.64
N TRP G 84 0.85 -30.62 -27.48
CA TRP G 84 0.92 -30.33 -28.91
C TRP G 84 -0.43 -30.02 -29.54
N VAL G 85 -0.55 -28.80 -30.10
CA VAL G 85 -1.70 -28.41 -30.91
C VAL G 85 -1.30 -27.25 -31.83
N GLY G 86 -1.65 -27.37 -33.11
CA GLY G 86 -1.25 -26.38 -34.12
C GLY G 86 0.24 -26.43 -34.42
N GLU G 87 0.79 -25.29 -34.83
CA GLU G 87 2.23 -25.15 -35.12
C GLU G 87 2.86 -24.03 -34.29
N GLY G 88 4.19 -24.09 -34.18
CA GLY G 88 4.98 -23.09 -33.45
C GLY G 88 6.33 -22.89 -34.10
N GLN G 89 6.39 -21.93 -35.04
CA GLN G 89 7.60 -21.71 -35.85
C GLN G 89 8.72 -21.03 -35.06
N LYS G 90 9.96 -21.32 -35.47
CA LYS G 90 11.16 -20.81 -34.79
C LYS G 90 12.41 -21.04 -35.63
N ILE G 91 13.52 -20.41 -35.23
CA ILE G 91 14.80 -20.53 -35.95
C ILE G 91 15.97 -20.11 -35.05
N GLU G 92 17.14 -20.72 -35.30
CA GLU G 92 18.39 -20.37 -34.63
C GLU G 92 19.45 -20.07 -35.70
N THR G 93 20.30 -19.08 -35.42
CA THR G 93 21.34 -18.63 -36.36
C THR G 93 22.72 -18.68 -35.72
N SER G 94 23.73 -18.99 -36.53
CA SER G 94 25.13 -19.05 -36.10
C SER G 94 25.86 -17.80 -36.58
N LYS G 95 26.78 -17.29 -35.75
CA LYS G 95 27.54 -16.07 -36.04
C LYS G 95 29.01 -16.18 -35.65
N ALA G 96 29.81 -15.24 -36.15
CA ALA G 96 31.26 -15.21 -35.88
C ALA G 96 31.84 -13.79 -36.04
N THR G 97 33.03 -13.60 -35.49
CA THR G 97 33.73 -12.31 -35.51
C THR G 97 35.22 -12.52 -35.83
N TRP G 98 35.80 -11.64 -36.64
CA TRP G 98 37.21 -11.74 -37.04
C TRP G 98 37.83 -10.38 -37.45
N VAL G 99 39.15 -10.41 -37.68
CA VAL G 99 39.94 -9.27 -38.22
C VAL G 99 40.24 -8.19 -37.15
N ASN G 100 41.24 -7.36 -37.46
CA ASN G 100 41.76 -6.35 -36.52
C ASN G 100 42.03 -4.99 -37.19
N ALA G 101 42.07 -3.94 -36.36
CA ALA G 101 42.37 -2.57 -36.81
C ALA G 101 43.83 -2.22 -36.53
N THR G 102 44.45 -1.51 -37.46
CA THR G 102 45.90 -1.22 -37.41
C THR G 102 46.18 0.24 -37.81
N MET G 103 46.95 0.93 -36.98
CA MET G 103 47.40 2.30 -37.28
C MET G 103 48.63 2.67 -36.45
N ARG G 104 49.53 3.45 -37.06
CA ARG G 104 50.79 3.87 -36.43
C ARG G 104 50.61 5.19 -35.69
N ALA G 105 51.61 5.56 -34.89
CA ALA G 105 51.52 6.75 -34.05
C ALA G 105 51.79 8.05 -34.82
N PHE G 106 52.98 8.15 -35.41
CA PHE G 106 53.46 9.36 -36.13
C PHE G 106 53.58 10.62 -35.25
N LYS G 107 52.43 11.13 -34.76
CA LYS G 107 52.40 12.25 -33.79
C LYS G 107 53.30 12.01 -32.56
N LEU G 108 53.38 10.76 -32.13
CA LEU G 108 54.35 10.34 -31.11
C LEU G 108 55.76 10.36 -31.69
N GLY G 109 55.97 9.59 -32.75
CA GLY G 109 57.30 9.33 -33.30
C GLY G 109 58.10 10.54 -33.75
N VAL G 110 57.43 11.51 -34.35
CA VAL G 110 58.08 12.77 -34.76
C VAL G 110 58.52 13.65 -33.59
N ILE G 111 57.84 13.53 -32.45
CA ILE G 111 58.19 14.27 -31.22
C ILE G 111 58.82 13.30 -30.19
N LEU G 112 59.79 12.51 -30.66
CA LEU G 112 60.58 11.60 -29.81
C LEU G 112 61.91 11.30 -30.53
N PRO G 113 63.02 11.93 -30.10
CA PRO G 113 64.27 11.82 -30.87
C PRO G 113 64.97 10.45 -30.85
N VAL G 114 65.37 9.98 -29.66
CA VAL G 114 66.20 8.76 -29.53
C VAL G 114 65.82 7.92 -28.31
N THR G 115 66.10 6.61 -28.41
CA THR G 115 65.70 5.62 -27.39
C THR G 115 66.51 5.70 -26.08
N LYS G 116 67.71 6.28 -26.13
CA LYS G 116 68.57 6.43 -24.93
C LYS G 116 67.96 7.43 -23.94
N GLU G 117 67.25 8.43 -24.45
CA GLU G 117 66.43 9.34 -23.63
C GLU G 117 65.37 8.56 -22.84
N PHE G 118 64.66 7.68 -23.54
CA PHE G 118 63.55 6.93 -22.95
C PHE G 118 64.02 5.68 -22.20
N LEU G 119 65.29 5.30 -22.41
CA LEU G 119 65.98 4.34 -21.55
C LEU G 119 66.09 4.92 -20.13
N ASN G 120 66.51 6.18 -20.04
CA ASN G 120 66.61 6.87 -18.74
C ASN G 120 65.25 7.09 -18.08
N TYR G 121 64.20 7.33 -18.88
CA TYR G 121 62.82 7.39 -18.38
C TYR G 121 62.27 6.02 -17.95
N THR G 122 62.75 4.95 -18.61
CA THR G 122 62.47 3.53 -18.27
C THR G 122 61.14 3.02 -18.84
N TYR G 123 60.93 1.70 -18.72
CA TYR G 123 59.76 1.00 -19.26
C TYR G 123 58.42 1.53 -18.74
N SER G 124 58.35 1.82 -17.44
CA SER G 124 57.11 2.24 -16.79
C SER G 124 56.50 3.49 -17.40
N GLN G 125 57.30 4.55 -17.50
CA GLN G 125 56.82 5.86 -17.97
C GLN G 125 56.48 5.89 -19.46
N PHE G 126 57.27 5.20 -20.29
CA PHE G 126 57.15 5.26 -21.76
C PHE G 126 55.75 4.96 -22.30
N PHE G 127 55.02 4.05 -21.65
CA PHE G 127 53.63 3.73 -22.04
C PHE G 127 52.58 4.67 -21.42
N GLU G 128 52.91 5.28 -20.27
CA GLU G 128 52.05 6.30 -19.65
C GLU G 128 52.19 7.67 -20.33
N GLU G 129 53.38 7.95 -20.89
CA GLU G 129 53.57 9.12 -21.76
C GLU G 129 52.84 8.96 -23.10
N MET G 130 52.72 7.71 -23.57
CA MET G 130 51.96 7.37 -24.79
C MET G 130 50.43 7.30 -24.59
N LYS G 131 49.97 7.26 -23.33
CA LYS G 131 48.55 7.10 -23.00
C LYS G 131 47.63 8.18 -23.63
N PRO G 132 48.10 9.44 -23.71
CA PRO G 132 47.47 10.45 -24.56
C PRO G 132 48.32 10.76 -25.81
N MET G 133 48.66 9.71 -26.58
CA MET G 133 49.39 9.85 -27.85
C MET G 133 48.81 8.93 -28.93
N ILE G 134 48.86 7.62 -28.67
CA ILE G 134 48.30 6.61 -29.58
C ILE G 134 46.79 6.37 -29.37
N ALA G 135 46.31 6.60 -28.15
CA ALA G 135 44.93 6.32 -27.78
C ALA G 135 43.92 7.16 -28.58
N GLU G 136 44.11 8.47 -28.54
CA GLU G 136 43.21 9.42 -29.24
C GLU G 136 43.11 9.20 -30.75
N ALA G 137 44.22 8.78 -31.36
CA ALA G 137 44.27 8.49 -32.79
C ALA G 137 43.64 7.14 -33.14
N PHE G 138 43.78 6.16 -32.25
CA PHE G 138 43.29 4.79 -32.51
C PHE G 138 41.77 4.68 -32.47
N TYR G 139 41.15 5.26 -31.45
CA TYR G 139 39.69 5.19 -31.29
C TYR G 139 38.95 5.97 -32.38
N LYS G 140 39.56 7.06 -32.85
CA LYS G 140 38.98 7.94 -33.87
C LYS G 140 38.69 7.21 -35.20
N LYS G 141 39.59 6.31 -35.59
CA LYS G 141 39.43 5.53 -36.82
C LYS G 141 38.32 4.48 -36.68
N PHE G 142 38.18 3.90 -35.48
CA PHE G 142 37.16 2.88 -35.21
C PHE G 142 35.73 3.42 -35.33
N ASP G 143 35.52 4.67 -34.94
CA ASP G 143 34.21 5.33 -35.08
C ASP G 143 33.83 5.58 -36.53
N GLU G 144 34.81 5.96 -37.36
CA GLU G 144 34.57 6.24 -38.78
C GLU G 144 34.17 4.99 -39.58
N ALA G 145 34.68 3.83 -39.18
CA ALA G 145 34.29 2.54 -39.76
C ALA G 145 33.48 1.67 -38.77
N GLY G 146 32.70 2.33 -37.91
CA GLY G 146 31.89 1.67 -36.88
C GLY G 146 30.41 1.96 -37.08
N ILE G 147 30.05 3.23 -37.03
CA ILE G 147 28.71 3.71 -37.34
C ILE G 147 28.64 3.90 -38.86
N LEU G 148 29.53 4.72 -39.38
CA LEU G 148 29.62 5.00 -40.82
C LEU G 148 30.40 3.92 -41.55
N ASN G 149 30.26 3.89 -42.88
CA ASN G 149 31.02 2.99 -43.76
C ASN G 149 31.79 3.84 -44.77
N GLN G 150 32.85 4.48 -44.27
CA GLN G 150 33.67 5.43 -45.05
C GLN G 150 35.11 4.96 -45.17
N GLY G 151 35.80 4.84 -44.03
CA GLY G 151 37.20 4.43 -43.99
C GLY G 151 37.42 3.00 -44.41
N ASN G 152 38.62 2.72 -44.93
CA ASN G 152 38.97 1.39 -45.44
C ASN G 152 39.44 0.47 -44.30
N ASN G 153 38.50 0.08 -43.44
CA ASN G 153 38.74 -0.95 -42.42
C ASN G 153 37.42 -1.62 -42.02
N PRO G 154 36.67 -2.17 -43.01
CA PRO G 154 35.39 -2.81 -42.72
C PRO G 154 35.51 -4.32 -42.48
N PHE G 155 34.53 -4.88 -41.75
CA PHE G 155 34.45 -6.32 -41.53
C PHE G 155 32.97 -6.76 -41.51
N GLY G 156 32.34 -6.86 -40.34
CA GLY G 156 30.90 -7.00 -40.24
C GLY G 156 30.27 -5.66 -40.58
N LYS G 157 29.32 -5.65 -41.50
CA LYS G 157 28.78 -4.41 -42.05
C LYS G 157 28.20 -3.49 -40.98
N SER G 158 28.40 -2.18 -41.17
CA SER G 158 28.19 -1.18 -40.14
C SER G 158 26.70 -0.90 -39.86
N ILE G 159 26.45 0.02 -38.93
CA ILE G 159 25.10 0.52 -38.65
C ILE G 159 24.53 1.22 -39.89
N ALA G 160 25.37 2.04 -40.55
CA ALA G 160 24.96 2.76 -41.77
C ALA G 160 24.57 1.83 -42.92
N GLN G 161 25.35 0.76 -43.12
CA GLN G 161 25.09 -0.20 -44.20
C GLN G 161 23.85 -1.06 -43.94
N SER G 162 23.57 -1.37 -42.68
CA SER G 162 22.35 -2.10 -42.30
C SER G 162 21.06 -1.29 -42.53
N ILE G 163 21.16 0.04 -42.42
CA ILE G 163 20.04 0.95 -42.71
C ILE G 163 19.69 0.94 -44.21
N GLU G 164 20.70 0.79 -45.08
CA GLU G 164 20.47 0.72 -46.53
C GLU G 164 19.75 -0.57 -46.96
N LYS G 165 20.00 -1.67 -46.26
CA LYS G 165 19.32 -2.94 -46.53
C LYS G 165 17.86 -2.88 -46.08
N THR G 166 17.63 -2.64 -44.78
CA THR G 166 16.30 -2.49 -44.21
C THR G 166 16.03 -0.99 -44.01
N ASN G 167 15.22 -0.42 -44.90
CA ASN G 167 15.04 1.04 -44.99
C ASN G 167 14.27 1.63 -43.81
N LYS G 168 15.01 2.33 -42.93
CA LYS G 168 14.43 3.12 -41.85
C LYS G 168 14.74 4.60 -42.11
N VAL G 169 14.44 5.05 -43.33
CA VAL G 169 14.81 6.38 -43.80
C VAL G 169 13.71 7.40 -43.50
N ILE G 170 14.12 8.63 -43.19
CA ILE G 170 13.20 9.74 -42.89
C ILE G 170 13.57 10.94 -43.77
N LYS G 171 12.55 11.68 -44.22
CA LYS G 171 12.73 12.85 -45.08
C LYS G 171 13.30 14.03 -44.29
N GLY G 172 13.98 14.93 -44.99
CA GLY G 172 14.67 16.08 -44.38
C GLY G 172 13.77 17.13 -43.75
N ASP G 173 13.51 16.95 -42.47
CA ASP G 173 12.80 17.93 -41.63
C ASP G 173 13.50 18.05 -40.28
N PHE G 174 13.24 19.15 -39.57
CA PHE G 174 13.76 19.35 -38.20
C PHE G 174 12.78 20.12 -37.32
N THR G 175 11.90 19.38 -36.64
CA THR G 175 10.99 19.92 -35.63
C THR G 175 10.80 18.81 -34.56
N GLN G 176 9.70 18.84 -33.80
CA GLN G 176 9.35 17.75 -32.88
C GLN G 176 8.89 16.48 -33.61
N ASP G 177 8.46 16.61 -34.87
CA ASP G 177 8.06 15.47 -35.70
C ASP G 177 9.19 14.48 -36.01
N ASN G 178 10.45 14.94 -35.93
CA ASN G 178 11.62 14.05 -36.08
C ASN G 178 11.67 12.95 -35.04
N ILE G 179 11.49 13.31 -33.77
CA ILE G 179 11.59 12.38 -32.65
C ILE G 179 10.43 11.37 -32.66
N ILE G 180 9.27 11.79 -33.16
CA ILE G 180 8.11 10.90 -33.33
C ILE G 180 8.38 9.88 -34.43
N ASP G 181 8.97 10.34 -35.54
CA ASP G 181 9.28 9.47 -36.69
C ASP G 181 10.47 8.54 -36.38
N LEU G 182 11.54 9.11 -35.81
CA LEU G 182 12.75 8.35 -35.43
C LEU G 182 12.45 7.10 -34.62
N GLU G 183 11.64 7.26 -33.57
CA GLU G 183 11.26 6.15 -32.70
C GLU G 183 10.32 5.17 -33.41
N ALA G 184 9.28 5.71 -34.05
CA ALA G 184 8.22 4.90 -34.68
C ALA G 184 8.68 3.86 -35.71
N LEU G 185 9.78 4.13 -36.40
CA LEU G 185 10.34 3.19 -37.39
C LEU G 185 10.93 1.95 -36.70
N LEU G 186 11.81 2.16 -35.73
CA LEU G 186 12.38 1.08 -34.92
C LEU G 186 11.38 0.46 -33.93
N GLU G 187 10.34 1.22 -33.58
CA GLU G 187 9.30 0.76 -32.64
C GLU G 187 8.47 -0.42 -33.16
N ASP G 188 8.30 -0.51 -34.49
CA ASP G 188 7.52 -1.58 -35.12
C ASP G 188 8.11 -2.99 -34.99
N ASP G 189 9.42 -3.08 -34.70
CA ASP G 189 10.10 -4.37 -34.52
C ASP G 189 10.31 -4.76 -33.04
N GLU G 190 9.43 -4.27 -32.16
CA GLU G 190 9.48 -4.52 -30.71
C GLU G 190 10.82 -4.11 -30.06
N LEU G 191 11.41 -3.03 -30.57
CA LEU G 191 12.69 -2.51 -30.09
C LEU G 191 12.48 -1.13 -29.50
N GLU G 192 12.99 -0.91 -28.27
CA GLU G 192 12.84 0.36 -27.57
C GLU G 192 13.99 1.30 -27.93
N ALA G 193 13.67 2.60 -28.04
CA ALA G 193 14.68 3.63 -28.31
C ALA G 193 15.51 3.88 -27.06
N ASN G 194 16.83 4.03 -27.24
CA ASN G 194 17.77 4.16 -26.12
C ASN G 194 18.76 5.31 -26.32
N ALA G 195 19.61 5.22 -27.33
CA ALA G 195 20.70 6.18 -27.54
C ALA G 195 20.32 7.31 -28.49
N PHE G 196 21.24 8.27 -28.64
CA PHE G 196 21.11 9.36 -29.60
C PHE G 196 22.48 9.79 -30.09
N ILE G 197 22.78 9.49 -31.35
CA ILE G 197 24.06 9.84 -31.99
C ILE G 197 23.82 10.93 -33.03
N SER G 198 24.21 12.16 -32.69
CA SER G 198 24.12 13.32 -33.59
C SER G 198 25.32 14.24 -33.38
N LYS G 199 25.89 14.73 -34.48
CA LYS G 199 27.14 15.51 -34.45
C LYS G 199 26.99 16.91 -33.85
N THR G 200 28.13 17.53 -33.56
CA THR G 200 28.19 18.84 -32.86
C THR G 200 27.72 20.03 -33.72
N GLN G 201 27.85 19.93 -35.05
CA GLN G 201 27.31 20.94 -35.96
C GLN G 201 25.78 20.90 -35.98
N ASN G 202 25.23 19.68 -36.07
CA ASN G 202 23.79 19.45 -36.03
C ASN G 202 23.19 19.71 -34.63
N ARG G 203 24.01 19.51 -33.58
CA ARG G 203 23.63 19.80 -32.19
C ARG G 203 23.15 21.24 -31.96
N SER G 204 23.75 22.19 -32.65
CA SER G 204 23.38 23.61 -32.56
C SER G 204 21.95 23.89 -33.05
N LEU G 205 21.49 23.12 -34.04
CA LEU G 205 20.13 23.27 -34.58
C LEU G 205 19.04 22.78 -33.63
N LEU G 206 19.36 21.79 -32.78
CA LEU G 206 18.40 21.26 -31.81
C LEU G 206 18.09 22.21 -30.63
N ARG G 207 18.98 23.17 -30.37
CA ARG G 207 18.82 24.13 -29.26
C ARG G 207 17.58 25.02 -29.41
N LYS G 208 17.32 25.51 -30.62
CA LYS G 208 16.20 26.43 -30.87
C LYS G 208 14.81 25.77 -30.82
N ILE G 209 14.75 24.45 -30.97
CA ILE G 209 13.47 23.73 -31.04
C ILE G 209 12.83 23.63 -29.64
N VAL G 210 11.67 24.27 -29.49
CA VAL G 210 10.86 24.22 -28.27
C VAL G 210 9.46 23.72 -28.66
N ASP G 211 8.76 23.10 -27.71
CA ASP G 211 7.41 22.55 -27.96
C ASP G 211 6.40 23.66 -28.27
N PRO G 212 5.42 23.40 -29.17
CA PRO G 212 4.49 24.45 -29.59
C PRO G 212 3.39 24.76 -28.56
N GLU G 213 2.60 23.74 -28.18
CA GLU G 213 1.48 23.92 -27.26
C GLU G 213 1.98 24.04 -25.82
N THR G 214 2.67 23.00 -25.35
CA THR G 214 3.29 22.99 -24.03
C THR G 214 4.57 23.85 -24.04
N LYS G 215 4.92 24.39 -22.87
CA LYS G 215 6.06 25.30 -22.73
C LYS G 215 7.24 24.60 -22.06
N GLU G 216 8.00 23.85 -22.85
CA GLU G 216 9.20 23.14 -22.37
C GLU G 216 10.16 22.81 -23.51
N ARG G 217 11.46 22.91 -23.22
CA ARG G 217 12.51 22.67 -24.21
C ARG G 217 12.88 21.18 -24.27
N ILE G 218 13.27 20.72 -25.46
CA ILE G 218 13.54 19.29 -25.71
C ILE G 218 14.97 18.95 -25.29
N TYR G 219 15.96 19.46 -26.03
CA TYR G 219 17.38 19.14 -25.80
C TYR G 219 18.01 20.19 -24.87
N ASP G 220 18.98 19.76 -24.06
CA ASP G 220 19.66 20.65 -23.11
C ASP G 220 21.11 20.19 -22.83
N ARG G 221 21.96 21.16 -22.50
CA ARG G 221 23.37 20.91 -22.15
C ARG G 221 23.53 20.60 -20.66
N ASN G 222 22.79 21.32 -19.82
CA ASN G 222 22.85 21.12 -18.36
C ASN G 222 22.33 19.74 -18.00
N SER G 223 21.14 19.41 -18.50
CA SER G 223 20.57 18.06 -18.43
C SER G 223 20.83 17.36 -19.77
N ASP G 224 21.91 16.61 -19.85
CA ASP G 224 22.35 15.96 -21.10
C ASP G 224 21.39 14.86 -21.55
N SER G 225 20.33 15.26 -22.22
CA SER G 225 19.33 14.33 -22.77
C SER G 225 18.46 15.01 -23.83
N LEU G 226 17.97 14.22 -24.78
CA LEU G 226 17.11 14.72 -25.87
C LEU G 226 15.63 14.51 -25.53
N ASP G 227 15.24 13.24 -25.35
CA ASP G 227 13.86 12.88 -24.98
C ASP G 227 13.87 12.19 -23.60
N GLY G 228 14.70 12.70 -22.71
CA GLY G 228 15.02 12.01 -21.45
C GLY G 228 15.86 10.75 -21.66
N LEU G 229 16.62 10.71 -22.76
CA LEU G 229 17.45 9.56 -23.14
C LEU G 229 18.91 10.01 -23.22
N PRO G 230 19.87 9.07 -23.07
CA PRO G 230 21.30 9.42 -23.18
C PRO G 230 21.71 9.83 -24.59
N VAL G 231 22.46 10.94 -24.68
CA VAL G 231 22.91 11.51 -25.96
C VAL G 231 24.44 11.45 -26.04
N VAL G 232 24.95 11.23 -27.25
CA VAL G 232 26.41 11.22 -27.51
C VAL G 232 26.73 12.00 -28.79
N ASN G 233 27.85 12.71 -28.78
CA ASN G 233 28.23 13.59 -29.88
C ASN G 233 29.35 12.96 -30.73
N LEU G 234 29.10 12.88 -32.04
CA LEU G 234 30.10 12.39 -33.00
C LEU G 234 30.86 13.57 -33.61
N LYS G 235 32.17 13.42 -33.77
CA LYS G 235 33.03 14.48 -34.34
C LYS G 235 33.64 14.07 -35.69
N SER G 236 32.96 13.17 -36.41
CA SER G 236 33.47 12.62 -37.66
C SER G 236 33.15 13.57 -38.82
N SER G 237 34.17 13.96 -39.58
CA SER G 237 34.00 14.84 -40.74
C SER G 237 33.46 14.04 -41.93
N ASN G 238 32.17 13.72 -41.87
CA ASN G 238 31.50 12.85 -42.84
C ASN G 238 30.02 13.19 -42.98
N LEU G 239 29.28 13.09 -41.87
CA LEU G 239 27.86 13.43 -41.83
C LEU G 239 27.64 14.95 -41.93
N LYS G 240 26.40 15.34 -42.18
CA LYS G 240 26.01 16.75 -42.35
C LYS G 240 24.95 17.19 -41.35
N ARG G 241 23.80 16.53 -41.38
CA ARG G 241 22.64 16.89 -40.56
C ARG G 241 21.90 15.62 -40.11
N GLY G 242 22.66 14.65 -39.62
CA GLY G 242 22.16 13.30 -39.35
C GLY G 242 21.67 13.05 -37.93
N GLU G 243 20.79 12.07 -37.79
CA GLU G 243 20.31 11.59 -36.49
C GLU G 243 20.32 10.06 -36.50
N LEU G 244 20.48 9.46 -35.32
CA LEU G 244 20.64 8.01 -35.19
C LEU G 244 20.31 7.53 -33.78
N ILE G 245 19.49 6.49 -33.68
CA ILE G 245 19.10 5.88 -32.40
C ILE G 245 19.36 4.37 -32.45
N THR G 246 20.03 3.85 -31.42
CA THR G 246 20.40 2.43 -31.32
C THR G 246 20.29 1.95 -29.87
N GLY G 247 19.99 0.66 -29.69
CA GLY G 247 19.90 0.04 -28.36
C GLY G 247 20.78 -1.20 -28.26
N ASP G 248 20.35 -2.28 -28.92
CA ASP G 248 21.08 -3.54 -28.90
C ASP G 248 22.32 -3.48 -29.79
N PHE G 249 23.49 -3.77 -29.21
CA PHE G 249 24.75 -3.79 -29.96
C PHE G 249 25.83 -4.57 -29.20
N ASP G 250 26.78 -5.14 -29.94
CA ASP G 250 27.88 -5.92 -29.37
C ASP G 250 29.23 -5.50 -29.97
N LYS G 251 30.25 -5.42 -29.10
CA LYS G 251 31.60 -5.03 -29.48
C LYS G 251 32.61 -5.89 -28.72
N LEU G 252 33.76 -6.15 -29.34
CA LEU G 252 34.75 -7.11 -28.81
C LEU G 252 36.18 -6.56 -28.90
N ILE G 253 36.92 -6.69 -27.79
CA ILE G 253 38.35 -6.38 -27.73
C ILE G 253 39.05 -7.58 -27.09
N TYR G 254 40.14 -8.03 -27.69
CA TYR G 254 40.87 -9.21 -27.21
C TYR G 254 42.37 -9.08 -27.50
N GLY G 255 43.16 -9.99 -26.94
CA GLY G 255 44.60 -10.01 -27.16
C GLY G 255 45.31 -8.88 -26.45
N ILE G 256 46.41 -8.41 -27.06
CA ILE G 256 47.26 -7.35 -26.51
C ILE G 256 47.51 -6.31 -27.61
N PRO G 257 47.74 -5.02 -27.22
CA PRO G 257 48.14 -4.01 -28.21
C PRO G 257 49.37 -4.38 -29.06
N GLN G 258 50.45 -4.79 -28.39
CA GLN G 258 51.66 -5.35 -29.03
C GLN G 258 52.44 -4.31 -29.85
N LEU G 259 53.65 -3.99 -29.40
CA LEU G 259 54.47 -2.92 -29.98
C LEU G 259 55.74 -3.45 -30.66
N ILE G 260 56.11 -2.79 -31.76
CA ILE G 260 57.41 -3.00 -32.42
C ILE G 260 57.83 -1.67 -33.04
N GLU G 261 59.13 -1.35 -32.98
CA GLU G 261 59.63 -0.01 -33.28
C GLU G 261 60.97 -0.03 -34.02
N TYR G 262 61.03 0.63 -35.18
CA TYR G 262 62.23 0.66 -36.03
C TYR G 262 62.31 1.95 -36.85
N LYS G 263 63.42 2.11 -37.58
CA LYS G 263 63.64 3.21 -38.52
C LYS G 263 63.98 2.64 -39.89
N ILE G 264 62.96 2.40 -40.71
CA ILE G 264 63.16 1.80 -42.06
C ILE G 264 62.37 2.49 -43.19
N ASP G 265 61.04 2.62 -43.06
CA ASP G 265 60.19 3.18 -44.13
C ASP G 265 58.78 3.49 -43.64
N GLU G 266 58.22 4.60 -44.12
CA GLU G 266 56.82 4.98 -43.87
C GLU G 266 56.11 5.16 -45.21
N THR G 267 55.30 4.17 -45.59
CA THR G 267 54.57 4.18 -46.86
C THR G 267 53.21 4.87 -46.74
N ALA G 268 52.49 4.56 -45.67
CA ALA G 268 51.15 5.12 -45.43
C ALA G 268 51.13 6.62 -45.09
N GLN G 269 52.23 7.14 -44.54
CA GLN G 269 52.34 8.53 -44.10
C GLN G 269 53.14 9.37 -45.11
N LEU G 270 52.59 10.53 -45.48
CA LEU G 270 53.23 11.46 -46.42
C LEU G 270 53.82 12.63 -45.64
N SER G 271 55.05 13.02 -45.97
CA SER G 271 55.73 14.14 -45.30
C SER G 271 55.37 15.47 -45.97
N THR G 272 54.19 15.97 -45.65
CA THR G 272 53.73 17.32 -46.01
C THR G 272 53.60 17.58 -47.52
N VAL G 273 54.72 17.80 -48.20
CA VAL G 273 54.72 18.36 -49.56
C VAL G 273 54.56 17.30 -50.65
N LYS G 274 55.57 16.44 -50.80
CA LYS G 274 55.65 15.51 -51.94
C LYS G 274 56.16 14.12 -51.53
N ASN G 275 57.38 14.06 -51.02
CA ASN G 275 58.04 12.78 -50.67
C ASN G 275 57.38 12.11 -49.46
N GLU G 276 57.44 10.78 -49.42
CA GLU G 276 56.86 10.00 -48.33
C GLU G 276 57.75 10.06 -47.08
N ASP G 277 58.76 9.21 -46.96
CA ASP G 277 59.75 9.30 -45.87
C ASP G 277 60.98 8.41 -46.11
N GLY G 278 62.15 9.04 -46.19
CA GLY G 278 63.44 8.33 -46.17
C GLY G 278 63.93 8.32 -44.74
N THR G 279 63.59 7.26 -44.00
CA THR G 279 63.74 7.22 -42.54
C THR G 279 65.18 7.37 -42.00
N PRO G 280 66.19 6.86 -42.72
CA PRO G 280 67.58 7.18 -42.35
C PRO G 280 67.94 8.66 -42.49
N VAL G 281 67.34 9.36 -43.47
CA VAL G 281 67.54 10.80 -43.65
C VAL G 281 66.62 11.55 -42.69
N ASN G 282 65.31 11.33 -42.82
CA ASN G 282 64.32 11.87 -41.87
C ASN G 282 64.36 11.04 -40.60
N LEU G 283 65.30 11.37 -39.71
CA LEU G 283 65.64 10.55 -38.55
C LEU G 283 64.57 10.68 -37.46
N PHE G 284 63.66 9.69 -37.39
CA PHE G 284 62.53 9.70 -36.45
C PHE G 284 62.28 8.30 -35.90
N GLU G 285 62.08 8.21 -34.57
CA GLU G 285 61.85 6.93 -33.89
C GLU G 285 60.37 6.60 -33.97
N GLN G 286 60.00 5.68 -34.87
CA GLN G 286 58.59 5.41 -35.21
C GLN G 286 58.14 4.01 -34.80
N ASP G 287 57.06 3.94 -34.01
CA ASP G 287 56.52 2.68 -33.47
C ASP G 287 55.28 2.20 -34.23
N MET G 288 54.89 0.95 -33.97
CA MET G 288 53.77 0.27 -34.62
C MET G 288 52.78 -0.21 -33.57
N VAL G 289 51.48 -0.12 -33.88
CA VAL G 289 50.40 -0.53 -32.96
C VAL G 289 49.29 -1.23 -33.75
N ALA G 290 48.73 -2.30 -33.16
CA ALA G 290 47.64 -3.06 -33.78
C ALA G 290 46.86 -3.90 -32.76
N LEU G 291 45.67 -3.43 -32.38
CA LEU G 291 44.80 -4.12 -31.41
C LEU G 291 43.76 -4.98 -32.13
N ARG G 292 43.43 -6.12 -31.54
CA ARG G 292 42.39 -7.02 -32.07
C ARG G 292 41.00 -6.54 -31.63
N ALA G 293 40.42 -5.64 -32.44
CA ALA G 293 39.10 -5.07 -32.18
C ALA G 293 38.11 -5.50 -33.27
N THR G 294 36.90 -5.87 -32.86
CA THR G 294 35.87 -6.40 -33.77
C THR G 294 34.45 -6.07 -33.29
N MET G 295 33.53 -5.95 -34.25
CA MET G 295 32.13 -5.56 -34.00
C MET G 295 31.15 -6.72 -34.21
N HIS G 296 29.88 -6.46 -33.89
CA HIS G 296 28.77 -7.33 -34.26
C HIS G 296 27.47 -6.53 -34.22
N VAL G 297 26.65 -6.64 -35.27
CA VAL G 297 25.51 -5.75 -35.50
C VAL G 297 24.21 -6.53 -35.70
N ALA G 298 23.13 -6.04 -35.08
CA ALA G 298 21.76 -6.47 -35.38
C ALA G 298 21.16 -5.51 -36.41
N LEU G 299 20.33 -6.02 -37.30
CA LEU G 299 19.95 -5.32 -38.54
C LEU G 299 18.58 -4.61 -38.45
N HIS G 300 18.38 -3.82 -37.38
CA HIS G 300 17.16 -3.03 -37.19
C HIS G 300 17.46 -1.74 -36.39
N ILE G 301 17.87 -0.70 -37.11
CA ILE G 301 18.29 0.58 -36.51
C ILE G 301 17.75 1.75 -37.35
N ALA G 302 17.29 2.81 -36.68
CA ALA G 302 16.67 3.98 -37.33
C ALA G 302 17.70 4.98 -37.86
N ASP G 303 17.23 5.96 -38.64
CA ASP G 303 18.10 6.98 -39.24
C ASP G 303 17.29 8.19 -39.75
N ASP G 304 17.92 9.36 -39.76
CA ASP G 304 17.35 10.58 -40.35
C ASP G 304 18.44 11.35 -41.10
N LYS G 305 18.04 12.05 -42.16
CA LYS G 305 18.96 12.90 -42.94
C LYS G 305 18.21 13.94 -43.77
N ALA G 306 18.89 15.03 -44.10
CA ALA G 306 18.32 16.12 -44.89
C ALA G 306 18.05 15.73 -46.35
N PHE G 307 17.22 16.53 -47.03
CA PHE G 307 16.82 16.29 -48.41
C PHE G 307 17.07 17.52 -49.30
N ALA G 308 16.38 18.62 -48.99
CA ALA G 308 16.47 19.89 -49.75
C ALA G 308 15.89 19.81 -51.17
N LYS G 309 16.53 19.04 -52.06
CA LYS G 309 16.05 18.85 -53.43
C LYS G 309 16.63 17.59 -54.07
N GLN H 40 57.04 -32.18 -10.55
CA GLN H 40 56.78 -32.76 -11.90
C GLN H 40 55.30 -32.61 -12.28
N GLU H 41 54.42 -33.24 -11.50
CA GLU H 41 52.97 -33.16 -11.72
C GLU H 41 52.36 -31.93 -11.03
N ILE H 42 52.85 -31.63 -9.83
CA ILE H 42 52.40 -30.46 -9.05
C ILE H 42 52.84 -29.15 -9.73
N SER H 43 54.03 -29.13 -10.31
CA SER H 43 54.57 -27.95 -11.01
C SER H 43 53.75 -27.58 -12.26
N SER H 44 53.37 -28.59 -13.04
CA SER H 44 52.56 -28.37 -14.26
C SER H 44 51.15 -27.86 -13.96
N GLU H 45 50.51 -28.43 -12.94
CA GLU H 45 49.14 -28.05 -12.55
C GLU H 45 49.06 -26.65 -11.94
N LEU H 46 49.99 -26.33 -11.05
CA LEU H 46 50.02 -25.02 -10.37
C LEU H 46 50.34 -23.86 -11.31
N GLN H 47 51.25 -24.09 -12.26
CA GLN H 47 51.60 -23.06 -13.26
C GLN H 47 50.44 -22.74 -14.21
N GLN H 48 49.74 -23.78 -14.66
CA GLN H 48 48.56 -23.61 -15.51
C GLN H 48 47.36 -22.97 -14.78
N SER H 49 47.24 -23.22 -13.47
CA SER H 49 46.17 -22.62 -12.67
C SER H 49 46.36 -21.11 -12.47
N GLU H 50 47.60 -20.68 -12.27
CA GLU H 50 47.93 -19.25 -12.15
C GLU H 50 47.69 -18.47 -13.45
N GLN H 51 48.07 -19.07 -14.58
CA GLN H 51 47.84 -18.48 -15.91
C GLN H 51 46.36 -18.39 -16.27
N SER H 52 45.57 -19.39 -15.88
CA SER H 52 44.13 -19.42 -16.17
C SER H 52 43.35 -18.35 -15.41
N LYS H 53 43.69 -18.13 -14.13
CA LYS H 53 43.05 -17.09 -13.32
C LYS H 53 43.36 -15.67 -13.80
N GLN H 54 44.61 -15.43 -14.20
CA GLN H 54 45.04 -14.13 -14.75
C GLN H 54 44.28 -13.75 -16.03
N LYS H 55 44.02 -14.74 -16.88
CA LYS H 55 43.19 -14.56 -18.08
C LYS H 55 41.71 -14.34 -17.74
N GLN H 56 41.24 -15.01 -16.67
CA GLN H 56 39.89 -14.76 -16.14
C GLN H 56 39.72 -13.38 -15.48
N TYR H 57 40.80 -12.83 -14.92
CA TYR H 57 40.79 -11.45 -14.39
C TYR H 57 40.80 -10.37 -15.51
N GLY H 58 41.11 -10.77 -16.74
CA GLY H 58 40.92 -9.91 -17.91
C GLY H 58 39.47 -9.58 -18.23
N THR H 59 38.55 -10.47 -17.85
CA THR H 59 37.11 -10.23 -18.04
C THR H 59 36.52 -9.24 -17.02
N THR H 60 37.16 -9.10 -15.85
CA THR H 60 36.76 -8.10 -14.86
C THR H 60 37.11 -6.68 -15.32
N LEU H 61 38.20 -6.53 -16.06
CA LEU H 61 38.56 -5.28 -16.75
C LEU H 61 37.46 -4.85 -17.73
N GLN H 62 36.90 -5.83 -18.46
CA GLN H 62 35.78 -5.61 -19.37
C GLN H 62 34.52 -5.17 -18.62
N ASN H 63 34.29 -5.75 -17.44
CA ASN H 63 33.17 -5.37 -16.56
C ASN H 63 33.35 -3.98 -15.93
N LEU H 64 34.60 -3.58 -15.66
CA LEU H 64 34.91 -2.22 -15.21
C LEU H 64 34.61 -1.17 -16.29
N ALA H 65 34.83 -1.53 -17.55
CA ALA H 65 34.48 -0.67 -18.69
C ALA H 65 32.97 -0.51 -18.88
N LYS H 66 32.20 -1.54 -18.50
CA LYS H 66 30.73 -1.48 -18.51
C LYS H 66 30.17 -0.45 -17.53
N GLN H 67 30.88 -0.18 -16.43
CA GLN H 67 30.53 0.88 -15.49
C GLN H 67 30.65 2.28 -16.12
N ASN H 68 31.70 2.47 -16.93
CA ASN H 68 31.93 3.75 -17.61
C ASN H 68 31.03 3.99 -18.84
N ARG H 69 30.34 2.93 -19.30
CA ARG H 69 29.36 3.05 -20.39
C ARG H 69 28.17 3.92 -19.96
N ILE H 70 27.66 4.73 -20.89
CA ILE H 70 26.58 5.68 -20.59
C ILE H 70 25.24 4.97 -20.41
N ILE H 71 24.93 4.06 -21.34
CA ILE H 71 23.67 3.29 -21.29
C ILE H 71 23.80 2.23 -20.18
N LYS H 72 22.73 2.04 -19.42
CA LYS H 72 22.72 1.12 -18.28
C LYS H 72 21.31 0.75 -17.86
#